data_8UCI
#
_entry.id   8UCI
#
_cell.length_a   80.849
_cell.length_b   99.722
_cell.length_c   143.073
_cell.angle_alpha   90.000
_cell.angle_beta   90.000
_cell.angle_gamma   90.000
#
_symmetry.space_group_name_H-M   'P 2 21 21'
#
loop_
_entity.id
_entity.type
_entity.pdbx_description
1 polymer 'ATP dependent DNA ligase'
2 non-polymer 'ADENOSINE MONOPHOSPHATE'
3 non-polymer GLYCEROL
4 non-polymer 'MAGNESIUM ION'
5 water water
#
_entity_poly.entity_id   1
_entity_poly.type   'polypeptide(L)'
_entity_poly.pdbx_seq_one_letter_code
;MGSSHHHHHHSSGLVPRGSHMMVSSYFKGILLNLGLDEERIEVLENKGGIVEDEFEGMRYLRLKDSARSLRRGTVVFDEH
NIILGFPHIKRVVQLENGIRRAFKRKPFYVEEKVDGYNVRVAKIGEKILVFTRGGFVCPFTTERIEDFITLDFFKDYPNM
VLCGEMAGPESPYLVEGPPYVKEDIQFFLFDIQEKKTGRSLPVEERLKLAEEYGIPSVEVFGLYDLSRIDELHALIDRLT
KEKREGIVMKSPDMKKIVGYVTPYANINDIKIGARIFFDLPHGYFMQRIKRLAFYLAERKIRGEEFDEYARALGKVLLEP
FVESIWDISSGDDEIAELFTVRVKKLETAHKMVTHFERLRLKIHIDDIEVLDNGYWRITFKRVYPDATKEMRELWNGHAF
VD
;
_entity_poly.pdbx_strand_id   A,B
#
loop_
_chem_comp.id
_chem_comp.type
_chem_comp.name
_chem_comp.formula
AMP non-polymer 'ADENOSINE MONOPHOSPHATE' 'C10 H14 N5 O7 P'
GOL non-polymer GLYCEROL 'C3 H8 O3'
MG non-polymer 'MAGNESIUM ION' 'Mg 2'
#
# COMPACT_ATOMS: atom_id res chain seq x y z
N MET A 22 -3.53 17.52 -20.35
CA MET A 22 -3.85 18.50 -19.33
C MET A 22 -2.60 19.25 -18.88
N VAL A 23 -1.52 18.50 -18.64
CA VAL A 23 -0.22 19.07 -18.32
C VAL A 23 0.78 18.61 -19.37
N SER A 24 1.69 19.50 -19.74
CA SER A 24 2.57 19.28 -20.87
C SER A 24 3.58 18.17 -20.58
N SER A 25 4.11 17.58 -21.67
CA SER A 25 5.17 16.60 -21.54
C SER A 25 6.43 17.21 -20.97
N TYR A 26 6.62 18.52 -21.14
CA TYR A 26 7.75 19.21 -20.55
C TYR A 26 7.73 19.09 -19.03
N PHE A 27 6.62 19.45 -18.40
CA PHE A 27 6.51 19.35 -16.95
C PHE A 27 6.52 17.89 -16.48
N LYS A 28 5.82 17.01 -17.20
CA LYS A 28 5.85 15.58 -16.88
C LYS A 28 7.26 15.03 -16.90
N GLY A 29 8.10 15.49 -17.84
CA GLY A 29 9.47 15.05 -17.86
C GLY A 29 10.23 15.43 -16.60
N ILE A 30 10.01 16.65 -16.11
CA ILE A 30 10.67 17.10 -14.89
C ILE A 30 10.22 16.26 -13.71
N LEU A 31 8.93 15.95 -13.61
CA LEU A 31 8.42 15.14 -12.51
C LEU A 31 9.07 13.76 -12.51
N LEU A 32 9.25 13.17 -13.69
CA LEU A 32 9.93 11.87 -13.78
C LEU A 32 11.35 11.97 -13.24
N ASN A 33 12.05 13.05 -13.55
CA ASN A 33 13.40 13.25 -13.02
C ASN A 33 13.37 13.38 -11.50
N LEU A 34 12.36 14.04 -10.96
CA LEU A 34 12.20 14.12 -9.50
C LEU A 34 11.84 12.79 -8.88
N GLY A 35 11.89 11.71 -9.65
CA GLY A 35 11.65 10.38 -9.14
C GLY A 35 10.20 10.02 -9.03
N LEU A 36 9.31 10.76 -9.67
CA LEU A 36 7.89 10.45 -9.66
C LEU A 36 7.59 9.55 -10.85
N ASP A 37 6.87 8.46 -10.58
CA ASP A 37 6.60 7.46 -11.61
C ASP A 37 5.50 7.92 -12.56
N GLU A 38 5.63 7.51 -13.83
CA GLU A 38 4.68 7.92 -14.86
C GLU A 38 3.25 7.53 -14.51
N GLU A 39 3.07 6.39 -13.83
CA GLU A 39 1.73 5.97 -13.46
C GLU A 39 1.09 6.97 -12.51
N ARG A 40 1.80 7.32 -11.43
CA ARG A 40 1.29 8.32 -10.49
C ARG A 40 1.11 9.67 -11.16
N ILE A 41 2.04 10.06 -12.05
CA ILE A 41 1.90 11.31 -12.79
C ILE A 41 0.56 11.35 -13.52
N GLU A 42 0.18 10.23 -14.14
CA GLU A 42 -1.10 10.16 -14.83
C GLU A 42 -2.25 10.31 -13.85
N VAL A 43 -2.17 9.61 -12.71
CA VAL A 43 -3.23 9.70 -11.70
C VAL A 43 -3.39 11.14 -11.22
N LEU A 44 -2.28 11.82 -10.94
CA LEU A 44 -2.35 13.20 -10.49
C LEU A 44 -2.97 14.10 -11.56
N GLU A 45 -2.56 13.91 -12.82
CA GLU A 45 -3.11 14.70 -13.92
C GLU A 45 -4.62 14.50 -14.03
N ASN A 46 -5.07 13.25 -14.01
CA ASN A 46 -6.50 12.96 -14.13
C ASN A 46 -7.27 13.52 -12.94
N LYS A 47 -6.78 13.24 -11.73
CA LYS A 47 -7.46 13.73 -10.52
C LYS A 47 -7.30 15.22 -10.31
N GLY A 48 -6.43 15.89 -11.07
CA GLY A 48 -6.19 17.30 -10.87
C GLY A 48 -5.21 17.64 -9.78
N GLY A 49 -4.45 16.66 -9.28
CA GLY A 49 -3.49 16.93 -8.24
C GLY A 49 -2.35 17.82 -8.70
N ILE A 50 -2.04 17.78 -10.00
CA ILE A 50 -1.08 18.70 -10.61
C ILE A 50 -1.81 19.51 -11.67
N VAL A 51 -1.56 20.82 -11.69
CA VAL A 51 -2.25 21.73 -12.59
C VAL A 51 -1.27 22.77 -13.08
N GLU A 52 -1.39 23.13 -14.36
CA GLU A 52 -0.57 24.20 -14.92
C GLU A 52 -1.18 25.55 -14.60
N ASP A 53 -0.32 26.52 -14.29
CA ASP A 53 -0.74 27.88 -14.02
C ASP A 53 0.25 28.82 -14.69
N GLU A 54 -0.01 30.11 -14.61
CA GLU A 54 0.82 31.10 -15.29
C GLU A 54 0.75 32.43 -14.56
N PHE A 55 1.89 33.10 -14.45
CA PHE A 55 1.97 34.44 -13.88
C PHE A 55 2.82 35.30 -14.80
N GLU A 56 2.23 36.40 -15.29
CA GLU A 56 2.91 37.34 -16.19
C GLU A 56 3.68 36.62 -17.29
N GLY A 57 3.00 35.67 -17.93
CA GLY A 57 3.56 34.93 -19.05
C GLY A 57 4.43 33.76 -18.69
N MET A 58 4.69 33.53 -17.41
CA MET A 58 5.59 32.47 -16.97
C MET A 58 4.77 31.24 -16.56
N ARG A 59 4.94 30.16 -17.31
CA ARG A 59 4.17 28.94 -17.08
C ARG A 59 4.85 28.10 -15.99
N TYR A 60 4.04 27.53 -15.10
CA TYR A 60 4.56 26.66 -14.06
C TYR A 60 3.52 25.63 -13.68
N LEU A 61 3.99 24.57 -13.03
CA LEU A 61 3.14 23.50 -12.52
C LEU A 61 2.98 23.67 -11.02
N ARG A 62 1.74 23.54 -10.55
CA ARG A 62 1.42 23.68 -9.14
C ARG A 62 0.87 22.35 -8.62
N LEU A 63 1.36 21.92 -7.46
CA LEU A 63 0.93 20.66 -6.86
C LEU A 63 -0.22 20.94 -5.89
N LYS A 64 -1.44 20.79 -6.39
CA LYS A 64 -2.62 20.92 -5.54
C LYS A 64 -2.65 19.83 -4.47
N ASP A 65 -2.05 18.67 -4.76
CA ASP A 65 -1.97 17.57 -3.81
C ASP A 65 -0.53 17.11 -3.68
N SER A 66 -0.23 16.46 -2.56
CA SER A 66 1.13 16.01 -2.28
C SER A 66 1.47 14.77 -3.10
N ALA A 67 2.75 14.62 -3.42
CA ALA A 67 3.20 13.49 -4.24
C ALA A 67 4.66 13.20 -3.91
N ARG A 68 4.90 12.11 -3.17
CA ARG A 68 6.24 11.62 -2.87
C ARG A 68 7.04 12.72 -2.17
N SER A 69 8.21 13.12 -2.66
CA SER A 69 9.00 14.17 -2.04
C SER A 69 8.49 15.57 -2.35
N LEU A 70 7.37 15.69 -3.07
CA LEU A 70 6.81 16.97 -3.48
C LEU A 70 5.55 17.24 -2.66
N ARG A 71 5.68 18.09 -1.64
CA ARG A 71 4.55 18.43 -0.80
C ARG A 71 3.57 19.33 -1.55
N ARG A 72 2.33 19.37 -1.06
CA ARG A 72 1.34 20.29 -1.58
C ARG A 72 1.87 21.71 -1.53
N GLY A 73 1.61 22.48 -2.59
CA GLY A 73 2.13 23.82 -2.71
C GLY A 73 3.46 23.91 -3.44
N THR A 74 4.06 22.78 -3.81
CA THR A 74 5.26 22.82 -4.63
C THR A 74 4.93 23.38 -6.01
N VAL A 75 5.83 24.21 -6.54
CA VAL A 75 5.66 24.79 -7.87
C VAL A 75 6.91 24.47 -8.69
N VAL A 76 6.70 24.24 -9.98
CA VAL A 76 7.75 23.80 -10.89
C VAL A 76 7.73 24.70 -12.12
N PHE A 77 8.77 25.50 -12.29
CA PHE A 77 8.95 26.32 -13.48
C PHE A 77 9.89 25.68 -14.50
N ASP A 78 10.94 25.01 -14.03
CA ASP A 78 11.88 24.31 -14.90
C ASP A 78 12.60 23.27 -14.05
N GLU A 79 13.65 22.66 -14.61
CA GLU A 79 14.36 21.62 -13.88
C GLU A 79 15.04 22.18 -12.62
N HIS A 80 15.45 23.44 -12.65
CA HIS A 80 16.13 24.05 -11.52
C HIS A 80 15.17 24.81 -10.60
N ASN A 81 14.22 25.54 -11.17
CA ASN A 81 13.31 26.38 -10.40
C ASN A 81 12.16 25.53 -9.86
N ILE A 82 12.46 24.73 -8.84
CA ILE A 82 11.47 23.95 -8.11
C ILE A 82 11.43 24.49 -6.69
N ILE A 83 10.27 25.02 -6.29
CA ILE A 83 10.07 25.58 -4.97
C ILE A 83 9.19 24.60 -4.20
N LEU A 84 9.78 23.89 -3.24
CA LEU A 84 9.03 22.89 -2.50
C LEU A 84 7.97 23.54 -1.63
N GLY A 85 6.81 22.88 -1.54
CA GLY A 85 5.78 23.36 -0.64
C GLY A 85 6.24 23.34 0.81
N PHE A 86 5.63 24.20 1.62
CA PHE A 86 6.08 24.28 3.00
C PHE A 86 5.50 23.13 3.82
N PRO A 87 6.29 22.54 4.70
CA PRO A 87 5.78 21.43 5.52
C PRO A 87 4.78 21.90 6.57
N HIS A 88 3.78 21.06 6.81
CA HIS A 88 2.86 21.30 7.92
C HIS A 88 3.60 21.22 9.25
N ILE A 89 3.50 22.27 10.05
CA ILE A 89 4.14 22.30 11.36
C ILE A 89 3.21 21.64 12.36
N LYS A 90 3.73 20.65 13.09
CA LYS A 90 2.94 19.98 14.12
C LYS A 90 2.94 20.80 15.40
N ARG A 91 1.81 20.79 16.10
CA ARG A 91 1.67 21.52 17.34
C ARG A 91 1.54 20.56 18.52
N VAL A 92 1.94 21.03 19.70
CA VAL A 92 1.67 20.35 20.95
C VAL A 92 0.66 21.18 21.73
N VAL A 93 -0.20 20.49 22.48
CA VAL A 93 -1.15 21.15 23.37
C VAL A 93 -0.69 21.12 24.82
N GLN A 94 0.29 20.27 25.15
CA GLN A 94 0.90 20.22 26.48
C GLN A 94 2.37 20.59 26.31
N LEU A 95 2.75 21.75 26.85
CA LEU A 95 4.05 22.33 26.51
C LEU A 95 5.20 21.54 27.12
N GLU A 96 5.14 21.27 28.43
CA GLU A 96 6.25 20.60 29.10
C GLU A 96 6.46 19.20 28.55
N ASN A 97 5.40 18.41 28.46
CA ASN A 97 5.54 17.05 27.92
C ASN A 97 5.77 17.08 26.42
N GLY A 98 5.26 18.09 25.73
CA GLY A 98 5.54 18.22 24.30
C GLY A 98 7.01 18.46 24.03
N ILE A 99 7.64 19.29 24.85
CA ILE A 99 9.08 19.54 24.71
C ILE A 99 9.87 18.27 24.98
N ARG A 100 9.54 17.57 26.08
CA ARG A 100 10.26 16.36 26.43
C ARG A 100 10.19 15.31 25.32
N ARG A 101 9.01 15.13 24.72
CA ARG A 101 8.88 14.14 23.66
C ARG A 101 9.66 14.55 22.41
N ALA A 102 9.64 15.84 22.07
CA ALA A 102 10.26 16.30 20.84
C ALA A 102 11.78 16.46 20.98
N PHE A 103 12.23 17.10 22.06
CA PHE A 103 13.63 17.45 22.20
C PHE A 103 14.32 16.78 23.38
N LYS A 104 13.58 16.12 24.27
CA LYS A 104 14.13 15.57 25.52
C LYS A 104 14.76 16.73 26.27
N ARG A 105 16.04 16.68 26.65
CA ARG A 105 16.67 17.78 27.37
C ARG A 105 17.68 18.54 26.51
N LYS A 106 17.66 18.35 25.20
CA LYS A 106 18.57 19.04 24.29
C LYS A 106 18.07 20.45 24.01
N PRO A 107 18.96 21.36 23.59
CA PRO A 107 18.55 22.74 23.37
C PRO A 107 17.74 22.92 22.09
N PHE A 108 16.92 23.97 22.08
CA PHE A 108 16.14 24.35 20.91
C PHE A 108 15.94 25.85 20.92
N TYR A 109 15.85 26.42 19.72
CA TYR A 109 15.53 27.84 19.59
C TYR A 109 14.03 28.06 19.73
N VAL A 110 13.66 29.18 20.34
CA VAL A 110 12.27 29.54 20.53
C VAL A 110 12.02 30.84 19.77
N GLU A 111 11.21 30.76 18.73
CA GLU A 111 10.85 31.91 17.91
C GLU A 111 9.39 32.25 18.14
N GLU A 112 9.05 33.51 17.89
CA GLU A 112 7.65 33.92 17.98
C GLU A 112 6.88 33.34 16.81
N LYS A 113 5.71 32.78 17.12
CA LYS A 113 4.76 32.35 16.10
C LYS A 113 3.91 33.56 15.71
N VAL A 114 4.11 34.07 14.49
CA VAL A 114 3.46 35.29 14.04
C VAL A 114 2.17 34.93 13.31
N ASP A 115 1.08 35.61 13.68
CA ASP A 115 -0.25 35.32 13.12
C ASP A 115 -0.42 36.13 11.84
N GLY A 116 -0.13 35.49 10.71
CA GLY A 116 -0.29 36.12 9.40
C GLY A 116 -0.53 35.07 8.35
N TYR A 117 0.09 35.23 7.19
CA TYR A 117 0.01 34.20 6.15
C TYR A 117 1.39 33.87 5.60
N ASN A 118 1.56 32.61 5.23
CA ASN A 118 2.84 32.07 4.79
C ASN A 118 3.14 32.45 3.36
N VAL A 119 4.40 32.80 3.09
CA VAL A 119 4.87 33.10 1.74
C VAL A 119 6.25 32.51 1.53
N ARG A 120 6.53 32.14 0.29
CA ARG A 120 7.87 31.75 -0.15
C ARG A 120 8.32 32.71 -1.24
N VAL A 121 9.48 33.33 -1.05
CA VAL A 121 10.00 34.34 -1.95
C VAL A 121 11.23 33.77 -2.65
N ALA A 122 11.21 33.77 -3.98
CA ALA A 122 12.30 33.23 -4.76
C ALA A 122 12.48 34.04 -6.03
N LYS A 123 13.69 34.00 -6.58
CA LYS A 123 14.01 34.64 -7.85
C LYS A 123 13.88 33.60 -8.97
N ILE A 124 12.94 33.82 -9.87
CA ILE A 124 12.73 32.95 -11.02
C ILE A 124 13.01 33.76 -12.28
N GLY A 125 14.03 33.38 -13.02
CA GLY A 125 14.47 34.19 -14.14
C GLY A 125 14.97 35.52 -13.64
N GLU A 126 14.42 36.60 -14.18
CA GLU A 126 14.71 37.95 -13.71
C GLU A 126 13.64 38.48 -12.76
N LYS A 127 12.68 37.65 -12.39
CA LYS A 127 11.55 38.09 -11.58
C LYS A 127 11.66 37.56 -10.16
N ILE A 128 11.15 38.35 -9.21
CA ILE A 128 11.03 37.95 -7.82
C ILE A 128 9.56 37.61 -7.59
N LEU A 129 9.27 36.32 -7.40
CA LEU A 129 7.90 35.85 -7.24
C LEU A 129 7.66 35.43 -5.80
N VAL A 130 6.43 35.68 -5.34
CA VAL A 130 6.02 35.35 -3.98
C VAL A 130 4.85 34.38 -4.07
N PHE A 131 5.00 33.22 -3.43
CA PHE A 131 4.02 32.15 -3.49
C PHE A 131 3.33 31.99 -2.14
N THR A 132 2.01 31.83 -2.18
CA THR A 132 1.26 31.51 -0.97
C THR A 132 1.30 30.00 -0.73
N ARG A 133 0.70 29.58 0.39
CA ARG A 133 0.77 28.18 0.82
C ARG A 133 0.37 27.22 -0.29
N GLY A 134 -0.71 27.52 -1.02
CA GLY A 134 -1.20 26.61 -2.04
C GLY A 134 -0.38 26.57 -3.32
N GLY A 135 0.59 27.46 -3.47
CA GLY A 135 1.39 27.51 -4.67
C GLY A 135 0.98 28.53 -5.70
N PHE A 136 0.06 29.44 -5.35
CA PHE A 136 -0.33 30.53 -6.23
C PHE A 136 0.63 31.70 -6.06
N VAL A 137 0.92 32.38 -7.17
CA VAL A 137 1.65 33.65 -7.08
C VAL A 137 0.69 34.72 -6.57
N CYS A 138 1.02 35.30 -5.42
CA CYS A 138 0.18 36.35 -4.84
C CYS A 138 0.45 37.68 -5.52
N PRO A 139 -0.51 38.26 -6.23
CA PRO A 139 -0.25 39.55 -6.89
C PRO A 139 0.02 40.69 -5.92
N PHE A 140 -0.61 40.68 -4.74
CA PHE A 140 -0.37 41.75 -3.77
C PHE A 140 1.05 41.68 -3.22
N THR A 141 1.43 40.54 -2.65
CA THR A 141 2.74 40.42 -2.02
C THR A 141 3.87 40.51 -3.05
N THR A 142 3.64 40.00 -4.27
CA THR A 142 4.67 40.10 -5.30
C THR A 142 4.88 41.55 -5.74
N GLU A 143 3.80 42.32 -5.85
CA GLU A 143 3.94 43.73 -6.24
C GLU A 143 4.75 44.51 -5.21
N ARG A 144 4.59 44.18 -3.94
CA ARG A 144 5.12 45.00 -2.85
C ARG A 144 6.30 44.36 -2.12
N ILE A 145 6.83 43.24 -2.64
CA ILE A 145 7.88 42.52 -1.91
C ILE A 145 9.08 43.43 -1.64
N GLU A 146 9.39 44.33 -2.58
CA GLU A 146 10.53 45.24 -2.41
C GLU A 146 10.31 46.28 -1.32
N ASP A 147 9.07 46.44 -0.83
CA ASP A 147 8.84 47.28 0.33
C ASP A 147 9.28 46.59 1.62
N PHE A 148 9.29 45.25 1.62
CA PHE A 148 9.60 44.48 2.81
C PHE A 148 11.02 43.94 2.84
N ILE A 149 11.60 43.62 1.68
CA ILE A 149 12.94 43.05 1.62
C ILE A 149 13.70 43.65 0.43
N THR A 150 15.02 43.54 0.51
CA THR A 150 15.92 43.90 -0.57
C THR A 150 16.22 42.67 -1.43
N LEU A 151 16.56 42.90 -2.69
CA LEU A 151 16.87 41.82 -3.61
C LEU A 151 18.34 41.42 -3.61
N ASP A 152 19.16 42.06 -2.76
CA ASP A 152 20.58 41.70 -2.67
C ASP A 152 20.77 40.23 -2.35
N PHE A 153 19.90 39.66 -1.51
CA PHE A 153 20.04 38.26 -1.12
C PHE A 153 20.00 37.35 -2.33
N PHE A 154 19.11 37.62 -3.28
CA PHE A 154 18.96 36.76 -4.44
C PHE A 154 20.06 36.98 -5.47
N LYS A 155 20.77 38.10 -5.40
CA LYS A 155 21.97 38.26 -6.21
C LYS A 155 23.06 37.28 -5.81
N ASP A 156 23.19 37.03 -4.50
CA ASP A 156 24.22 36.13 -4.00
C ASP A 156 23.73 34.71 -3.79
N TYR A 157 22.44 34.53 -3.52
CA TYR A 157 21.86 33.21 -3.26
C TYR A 157 20.64 32.98 -4.15
N PRO A 158 20.84 32.93 -5.47
CA PRO A 158 19.69 32.77 -6.38
C PRO A 158 18.99 31.43 -6.26
N ASN A 159 19.63 30.43 -5.66
CA ASN A 159 19.05 29.10 -5.51
C ASN A 159 18.37 28.90 -4.17
N MET A 160 18.19 29.96 -3.38
CA MET A 160 17.59 29.87 -2.07
C MET A 160 16.22 30.53 -2.03
N VAL A 161 15.38 30.06 -1.13
CA VAL A 161 13.99 30.50 -1.00
C VAL A 161 13.80 31.11 0.38
N LEU A 162 13.36 32.36 0.43
CA LEU A 162 13.06 33.03 1.69
C LEU A 162 11.64 32.67 2.12
N CYS A 163 11.51 32.10 3.32
CA CYS A 163 10.23 31.70 3.87
C CYS A 163 9.89 32.57 5.06
N GLY A 164 8.71 33.18 5.04
CA GLY A 164 8.34 34.08 6.12
C GLY A 164 6.85 34.27 6.21
N GLU A 165 6.45 35.06 7.21
CA GLU A 165 5.05 35.36 7.48
C GLU A 165 4.77 36.82 7.13
N MET A 166 3.74 37.03 6.31
CA MET A 166 3.21 38.36 6.07
C MET A 166 2.12 38.64 7.10
N ALA A 167 2.35 39.63 7.96
CA ALA A 167 1.43 39.89 9.06
C ALA A 167 1.33 41.39 9.31
N GLY A 168 0.12 41.82 9.65
CA GLY A 168 -0.14 43.21 9.94
C GLY A 168 -1.63 43.48 10.01
N PRO A 169 -2.01 44.72 10.31
CA PRO A 169 -3.44 45.06 10.40
C PRO A 169 -4.11 45.24 9.06
N GLU A 170 -3.36 45.36 7.97
CA GLU A 170 -3.91 45.54 6.63
C GLU A 170 -3.44 44.38 5.75
N SER A 171 -4.09 43.22 5.92
CA SER A 171 -3.68 42.00 5.26
C SER A 171 -4.75 41.52 4.28
N PRO A 172 -4.35 41.00 3.11
CA PRO A 172 -5.36 40.48 2.17
C PRO A 172 -6.00 39.18 2.61
N TYR A 173 -5.42 38.46 3.57
CA TYR A 173 -5.88 37.13 3.92
C TYR A 173 -6.29 36.94 5.38
N LEU A 174 -6.02 37.91 6.25
CA LEU A 174 -6.41 37.80 7.65
C LEU A 174 -7.06 39.10 8.12
N VAL A 175 -7.84 38.99 9.19
CA VAL A 175 -8.45 40.14 9.85
C VAL A 175 -7.86 40.37 11.22
N GLU A 176 -6.78 39.68 11.56
CA GLU A 176 -6.04 39.89 12.80
C GLU A 176 -4.55 39.87 12.50
N GLY A 177 -3.75 40.23 13.50
CA GLY A 177 -2.32 40.27 13.33
C GLY A 177 -1.58 40.67 14.60
N PRO A 178 -0.25 40.74 14.51
CA PRO A 178 0.53 41.06 15.71
C PRO A 178 0.26 42.49 16.16
N PRO A 179 0.36 42.76 17.46
CA PRO A 179 -0.02 44.09 17.96
C PRO A 179 0.99 45.18 17.68
N TYR A 180 2.27 44.80 17.51
CA TYR A 180 3.33 45.78 17.33
C TYR A 180 3.45 46.27 15.89
N VAL A 181 2.64 45.78 14.97
CA VAL A 181 2.58 46.28 13.61
C VAL A 181 1.39 47.24 13.53
N LYS A 182 1.68 48.54 13.49
CA LYS A 182 0.63 49.53 13.65
C LYS A 182 -0.11 49.85 12.35
N GLU A 183 0.49 49.57 11.19
CA GLU A 183 -0.18 49.86 9.93
C GLU A 183 0.42 48.98 8.85
N ASP A 184 -0.28 48.89 7.72
CA ASP A 184 0.18 48.20 6.51
C ASP A 184 0.47 46.74 6.88
N ILE A 185 1.58 46.17 6.44
CA ILE A 185 1.88 44.76 6.66
C ILE A 185 3.40 44.61 6.64
N GLN A 186 3.90 43.55 7.28
CA GLN A 186 5.33 43.34 7.36
C GLN A 186 5.67 41.89 7.08
N PHE A 187 6.90 41.67 6.64
CA PHE A 187 7.45 40.34 6.41
C PHE A 187 8.29 39.93 7.60
N PHE A 188 8.13 38.67 8.03
CA PHE A 188 8.89 38.11 9.15
C PHE A 188 9.50 36.79 8.70
N LEU A 189 10.80 36.78 8.47
CA LEU A 189 11.47 35.57 8.00
C LEU A 189 11.53 34.53 9.12
N PHE A 190 11.19 33.28 8.78
CA PHE A 190 11.35 32.18 9.72
C PHE A 190 12.07 30.97 9.14
N ASP A 191 12.49 31.01 7.88
CA ASP A 191 13.23 29.91 7.29
C ASP A 191 13.85 30.37 5.98
N ILE A 192 14.98 29.75 5.64
CA ILE A 192 15.59 29.89 4.32
C ILE A 192 15.81 28.48 3.78
N GLN A 193 15.19 28.17 2.65
CA GLN A 193 15.21 26.82 2.11
C GLN A 193 15.84 26.80 0.73
N GLU A 194 16.47 25.67 0.41
CA GLU A 194 17.09 25.47 -0.88
C GLU A 194 16.06 24.99 -1.90
N LYS A 195 16.19 25.47 -3.13
CA LYS A 195 15.32 24.99 -4.20
C LYS A 195 15.51 23.49 -4.42
N LYS A 196 14.46 22.86 -4.95
CA LYS A 196 14.46 21.45 -5.32
C LYS A 196 14.49 20.54 -4.09
N THR A 197 15.49 20.72 -3.21
CA THR A 197 15.59 19.88 -2.03
C THR A 197 14.66 20.32 -0.91
N GLY A 198 14.36 21.62 -0.83
CA GLY A 198 13.63 22.13 0.31
C GLY A 198 14.41 22.14 1.60
N ARG A 199 15.71 21.85 1.54
CA ARG A 199 16.53 21.77 2.74
C ARG A 199 16.61 23.12 3.44
N SER A 200 16.34 23.12 4.74
CA SER A 200 16.38 24.33 5.54
C SER A 200 17.78 24.57 6.08
N LEU A 201 18.23 25.82 6.01
CA LEU A 201 19.51 26.18 6.61
C LEU A 201 19.40 26.11 8.15
N PRO A 202 20.48 25.75 8.82
CA PRO A 202 20.48 25.80 10.29
C PRO A 202 20.12 27.19 10.80
N VAL A 203 19.57 27.22 12.01
CA VAL A 203 19.03 28.46 12.57
C VAL A 203 20.09 29.55 12.59
N GLU A 204 21.28 29.24 13.14
CA GLU A 204 22.32 30.24 13.26
C GLU A 204 22.71 30.82 11.91
N GLU A 205 22.87 29.95 10.90
CA GLU A 205 23.22 30.43 9.57
C GLU A 205 22.11 31.31 8.99
N ARG A 206 20.85 30.92 9.22
CA ARG A 206 19.72 31.72 8.74
C ARG A 206 19.74 33.11 9.37
N LEU A 207 19.94 33.18 10.69
CA LEU A 207 19.94 34.47 11.37
C LEU A 207 21.13 35.32 10.94
N LYS A 208 22.27 34.69 10.66
CA LYS A 208 23.42 35.43 10.14
C LYS A 208 23.12 36.03 8.77
N LEU A 209 22.47 35.26 7.89
CA LEU A 209 22.10 35.78 6.58
C LEU A 209 21.07 36.89 6.70
N ALA A 210 20.09 36.73 7.60
CA ALA A 210 19.06 37.75 7.78
C ALA A 210 19.66 39.07 8.24
N GLU A 211 20.62 39.01 9.18
CA GLU A 211 21.30 40.22 9.61
C GLU A 211 22.16 40.81 8.49
N GLU A 212 22.88 39.95 7.77
CA GLU A 212 23.78 40.43 6.71
C GLU A 212 23.02 41.21 5.66
N TYR A 213 21.83 40.74 5.27
CA TYR A 213 21.07 41.35 4.19
C TYR A 213 19.89 42.17 4.69
N GLY A 214 19.77 42.37 6.00
CA GLY A 214 18.69 43.19 6.53
C GLY A 214 17.30 42.65 6.30
N ILE A 215 17.17 41.32 6.21
CA ILE A 215 15.86 40.69 6.04
C ILE A 215 15.16 40.69 7.39
N PRO A 216 13.96 41.28 7.50
CA PRO A 216 13.25 41.27 8.78
C PRO A 216 12.93 39.85 9.21
N SER A 217 13.09 39.58 10.50
CA SER A 217 12.99 38.24 11.05
C SER A 217 11.90 38.18 12.12
N VAL A 218 11.35 36.98 12.31
CA VAL A 218 10.57 36.73 13.52
C VAL A 218 11.49 36.94 14.72
N GLU A 219 10.90 37.35 15.84
CA GLU A 219 11.69 37.51 17.05
C GLU A 219 12.16 36.15 17.55
N VAL A 220 13.45 36.05 17.83
CA VAL A 220 14.04 34.85 18.43
C VAL A 220 14.24 35.16 19.91
N PHE A 221 13.50 34.47 20.77
CA PHE A 221 13.58 34.73 22.20
C PHE A 221 14.83 34.15 22.85
N GLY A 222 15.44 33.14 22.22
CA GLY A 222 16.70 32.63 22.68
C GLY A 222 16.75 31.11 22.57
N LEU A 223 17.79 30.54 23.18
CA LEU A 223 17.99 29.10 23.22
C LEU A 223 17.48 28.58 24.56
N TYR A 224 16.58 27.60 24.52
CA TYR A 224 15.96 27.06 25.72
C TYR A 224 16.13 25.55 25.75
N ASP A 225 15.70 24.95 26.86
CA ASP A 225 15.62 23.50 26.99
C ASP A 225 14.57 23.17 28.03
N LEU A 226 14.31 21.85 28.19
CA LEU A 226 13.26 21.39 29.09
C LEU A 226 13.47 21.91 30.51
N SER A 227 14.71 21.99 30.96
CA SER A 227 15.02 22.46 32.32
C SER A 227 14.53 23.88 32.58
N ARG A 228 14.28 24.67 31.53
CA ARG A 228 13.82 26.04 31.66
C ARG A 228 12.33 26.18 31.37
N ILE A 229 11.55 25.12 31.63
CA ILE A 229 10.12 25.13 31.30
C ILE A 229 9.38 26.27 31.98
N ASP A 230 9.80 26.64 33.20
CA ASP A 230 9.10 27.70 33.91
C ASP A 230 9.31 29.05 33.24
N GLU A 231 10.50 29.28 32.69
CA GLU A 231 10.72 30.50 31.91
C GLU A 231 9.85 30.50 30.65
N LEU A 232 9.67 29.33 30.04
CA LEU A 232 8.83 29.25 28.84
C LEU A 232 7.36 29.48 29.18
N HIS A 233 6.91 28.99 30.33
CA HIS A 233 5.56 29.29 30.79
C HIS A 233 5.39 30.79 31.01
N ALA A 234 6.38 31.43 31.63
CA ALA A 234 6.34 32.88 31.81
C ALA A 234 6.33 33.61 30.48
N LEU A 235 7.05 33.08 29.49
CA LEU A 235 7.03 33.67 28.16
C LEU A 235 5.64 33.57 27.54
N ILE A 236 5.02 32.40 27.62
CA ILE A 236 3.67 32.21 27.11
C ILE A 236 2.70 33.18 27.79
N ASP A 237 2.83 33.35 29.11
CA ASP A 237 1.95 34.27 29.83
C ASP A 237 2.13 35.70 29.36
N ARG A 238 3.38 36.12 29.10
CA ARG A 238 3.62 37.46 28.58
C ARG A 238 3.03 37.62 27.19
N LEU A 239 3.28 36.65 26.31
CA LEU A 239 2.74 36.72 24.95
C LEU A 239 1.21 36.76 24.98
N THR A 240 0.59 36.01 25.89
CA THR A 240 -0.86 36.02 26.01
C THR A 240 -1.37 37.42 26.36
N LYS A 241 -0.76 38.05 27.37
CA LYS A 241 -1.18 39.40 27.75
C LYS A 241 -0.94 40.40 26.63
N GLU A 242 0.09 40.16 25.81
CA GLU A 242 0.43 41.04 24.70
C GLU A 242 -0.35 40.72 23.43
N LYS A 243 -1.23 39.72 23.46
CA LYS A 243 -2.09 39.37 22.32
C LYS A 243 -1.26 38.85 21.14
N ARG A 244 -0.29 37.99 21.42
CA ARG A 244 0.53 37.36 20.40
C ARG A 244 0.22 35.87 20.36
N GLU A 245 0.56 35.23 19.24
CA GLU A 245 -0.01 33.91 18.94
C GLU A 245 0.68 32.80 19.74
N GLY A 246 1.98 32.88 19.93
CA GLY A 246 2.67 31.82 20.62
C GLY A 246 4.11 31.70 20.13
N ILE A 247 4.61 30.46 20.12
CA ILE A 247 6.00 30.19 19.82
C ILE A 247 6.12 29.00 18.89
N VAL A 248 7.23 28.96 18.17
CA VAL A 248 7.67 27.79 17.41
C VAL A 248 9.05 27.39 17.91
N MET A 249 9.20 26.13 18.31
CA MET A 249 10.45 25.63 18.84
C MET A 249 11.16 24.81 17.78
N LYS A 250 12.45 25.09 17.56
CA LYS A 250 13.19 24.47 16.48
C LYS A 250 14.56 24.02 16.97
N SER A 251 14.91 22.78 16.65
CA SER A 251 16.26 22.30 16.88
C SER A 251 17.24 23.13 16.05
N PRO A 252 18.48 23.31 16.53
CA PRO A 252 19.46 24.10 15.77
C PRO A 252 19.64 23.67 14.32
N ASP A 253 19.49 22.38 14.02
CA ASP A 253 19.60 21.90 12.65
C ASP A 253 18.29 21.94 11.89
N MET A 254 17.24 22.51 12.48
CA MET A 254 15.93 22.70 11.86
C MET A 254 15.23 21.39 11.50
N LYS A 255 15.70 20.26 12.02
CA LYS A 255 15.08 18.98 11.70
C LYS A 255 13.86 18.67 12.56
N LYS A 256 13.75 19.26 13.74
CA LYS A 256 12.62 19.04 14.63
C LYS A 256 11.99 20.38 14.97
N ILE A 257 10.72 20.55 14.60
CA ILE A 257 10.01 21.81 14.74
C ILE A 257 8.62 21.52 15.32
N VAL A 258 8.24 22.27 16.35
CA VAL A 258 6.93 22.11 16.98
C VAL A 258 6.43 23.47 17.45
N GLY A 259 5.14 23.74 17.23
CA GLY A 259 4.53 24.99 17.62
C GLY A 259 3.63 24.84 18.84
N TYR A 260 3.45 25.96 19.53
CA TYR A 260 2.55 26.03 20.69
C TYR A 260 1.93 27.41 20.75
N VAL A 261 0.60 27.47 20.84
CA VAL A 261 -0.15 28.71 20.71
C VAL A 261 -0.70 29.12 22.06
N THR A 262 -0.81 30.43 22.26
CA THR A 262 -1.30 31.00 23.50
C THR A 262 -2.82 30.79 23.63
N PRO A 263 -3.34 30.89 24.86
CA PRO A 263 -4.80 30.92 25.01
C PRO A 263 -5.46 32.09 24.28
N TYR A 264 -4.79 33.24 24.21
CA TYR A 264 -5.33 34.35 23.44
C TYR A 264 -5.56 33.95 21.99
N ALA A 265 -4.55 33.32 21.36
CA ALA A 265 -4.68 32.92 19.97
C ALA A 265 -5.87 32.02 19.75
N ASN A 266 -6.07 31.04 20.64
CA ASN A 266 -7.21 30.14 20.51
C ASN A 266 -8.52 30.87 20.75
N ILE A 267 -8.57 31.76 21.74
CA ILE A 267 -9.81 32.48 22.05
C ILE A 267 -10.16 33.46 20.93
N ASN A 268 -9.17 34.24 20.48
CA ASN A 268 -9.45 35.21 19.42
C ASN A 268 -9.80 34.52 18.11
N ASP A 269 -9.19 33.36 17.84
CA ASP A 269 -9.55 32.58 16.66
C ASP A 269 -11.02 32.22 16.67
N ILE A 270 -11.52 31.75 17.83
CA ILE A 270 -12.94 31.43 17.95
C ILE A 270 -13.81 32.67 17.73
N LYS A 271 -13.41 33.79 18.32
CA LYS A 271 -14.18 35.03 18.20
C LYS A 271 -14.36 35.43 16.75
N ILE A 272 -13.28 35.37 15.96
CA ILE A 272 -13.36 35.74 14.55
C ILE A 272 -14.23 34.75 13.78
N GLY A 273 -14.06 33.46 14.04
CA GLY A 273 -14.83 32.45 13.32
C GLY A 273 -16.29 32.42 13.69
N ALA A 274 -16.61 32.78 14.94
CA ALA A 274 -18.00 32.69 15.41
C ALA A 274 -18.93 33.63 14.67
N ARG A 275 -18.40 34.68 14.04
CA ARG A 275 -19.25 35.55 13.22
C ARG A 275 -19.83 34.80 12.03
N ILE A 276 -19.12 33.80 11.54
CA ILE A 276 -19.56 32.99 10.41
C ILE A 276 -20.13 31.66 10.88
N PHE A 277 -19.40 30.97 11.77
CA PHE A 277 -19.81 29.72 12.42
C PHE A 277 -20.01 28.57 11.43
N PHE A 278 -20.83 28.77 10.41
CA PHE A 278 -21.14 27.71 9.47
C PHE A 278 -20.10 27.64 8.35
N ASP A 279 -19.93 26.44 7.80
CA ASP A 279 -19.10 26.21 6.62
C ASP A 279 -17.63 26.54 6.87
N LEU A 280 -17.19 26.42 8.10
CA LEU A 280 -15.78 26.61 8.45
C LEU A 280 -15.06 25.27 8.39
N PRO A 281 -13.72 25.28 8.37
CA PRO A 281 -12.98 24.01 8.33
C PRO A 281 -13.41 23.09 9.47
N HIS A 282 -13.41 21.79 9.17
CA HIS A 282 -13.94 20.81 10.11
C HIS A 282 -13.14 20.82 11.41
N GLY A 283 -13.86 20.88 12.54
CA GLY A 283 -13.24 20.89 13.84
C GLY A 283 -12.61 22.20 14.26
N TYR A 284 -12.84 23.29 13.51
CA TYR A 284 -12.15 24.55 13.78
C TYR A 284 -12.32 24.99 15.22
N PHE A 285 -13.56 25.01 15.72
CA PHE A 285 -13.79 25.44 17.09
C PHE A 285 -13.38 24.38 18.11
N MET A 286 -13.64 23.10 17.80
CA MET A 286 -13.30 22.02 18.71
C MET A 286 -11.80 21.97 18.98
N GLN A 287 -10.97 22.21 17.95
CA GLN A 287 -9.53 22.19 18.16
C GLN A 287 -9.09 23.27 19.14
N ARG A 288 -9.69 24.46 19.06
CA ARG A 288 -9.28 25.55 19.94
C ARG A 288 -9.78 25.35 21.36
N ILE A 289 -10.98 24.79 21.51
CA ILE A 289 -11.48 24.44 22.84
C ILE A 289 -10.57 23.41 23.50
N LYS A 290 -10.14 22.41 22.73
CA LYS A 290 -9.22 21.40 23.25
C LYS A 290 -7.91 22.03 23.72
N ARG A 291 -7.35 22.94 22.93
CA ARG A 291 -6.09 23.58 23.30
C ARG A 291 -6.25 24.43 24.55
N LEU A 292 -7.41 25.05 24.74
CA LEU A 292 -7.66 25.79 25.98
C LEU A 292 -7.73 24.85 27.17
N ALA A 293 -8.43 23.73 27.03
CA ALA A 293 -8.58 22.80 28.15
C ALA A 293 -7.25 22.22 28.59
N PHE A 294 -6.39 21.86 27.63
CA PHE A 294 -5.08 21.31 28.00
C PHE A 294 -4.18 22.36 28.63
N TYR A 295 -4.31 23.63 28.21
CA TYR A 295 -3.57 24.70 28.86
C TYR A 295 -4.04 24.90 30.29
N LEU A 296 -5.36 24.90 30.51
CA LEU A 296 -5.88 25.05 31.86
C LEU A 296 -5.48 23.88 32.74
N ALA A 297 -5.39 22.68 32.17
CA ALA A 297 -5.01 21.51 32.95
C ALA A 297 -3.52 21.53 33.28
N GLU A 298 -2.67 21.75 32.28
CA GLU A 298 -1.23 21.76 32.52
C GLU A 298 -0.83 22.81 33.55
N ARG A 299 -1.39 24.01 33.43
CA ARG A 299 -1.05 25.10 34.34
C ARG A 299 -1.85 25.07 35.63
N LYS A 300 -2.72 24.06 35.81
CA LYS A 300 -3.50 23.89 37.04
C LYS A 300 -4.26 25.16 37.41
N ILE A 301 -4.88 25.79 36.42
CA ILE A 301 -5.63 27.02 36.66
C ILE A 301 -6.98 26.66 37.27
N ARG A 302 -7.36 27.36 38.32
CA ARG A 302 -8.54 27.02 39.10
C ARG A 302 -9.20 28.29 39.59
N GLY A 303 -10.35 28.13 40.23
CA GLY A 303 -11.00 29.25 40.90
C GLY A 303 -11.38 30.37 39.96
N GLU A 304 -11.20 31.60 40.45
CA GLU A 304 -11.61 32.78 39.69
C GLU A 304 -10.90 32.86 38.35
N GLU A 305 -9.60 32.52 38.31
CA GLU A 305 -8.89 32.58 37.04
C GLU A 305 -9.47 31.61 36.03
N PHE A 306 -9.86 30.42 36.48
CA PHE A 306 -10.54 29.48 35.58
C PHE A 306 -11.86 30.05 35.10
N ASP A 307 -12.62 30.69 36.00
CA ASP A 307 -13.93 31.22 35.64
C ASP A 307 -13.80 32.31 34.57
N GLU A 308 -12.76 33.13 34.66
CA GLU A 308 -12.53 34.14 33.62
C GLU A 308 -12.36 33.49 32.25
N TYR A 309 -11.64 32.36 32.19
CA TYR A 309 -11.46 31.67 30.92
C TYR A 309 -12.76 31.04 30.44
N ALA A 310 -13.52 30.43 31.35
CA ALA A 310 -14.81 29.85 30.97
C ALA A 310 -15.75 30.92 30.44
N ARG A 311 -15.81 32.07 31.13
CA ARG A 311 -16.65 33.16 30.65
C ARG A 311 -16.16 33.69 29.31
N ALA A 312 -14.84 33.84 29.15
CA ALA A 312 -14.29 34.32 27.88
C ALA A 312 -14.62 33.37 26.75
N LEU A 313 -14.53 32.06 26.99
CA LEU A 313 -14.83 31.08 25.94
C LEU A 313 -16.31 31.16 25.54
N GLY A 314 -17.20 31.17 26.52
CA GLY A 314 -18.62 31.29 26.21
C GLY A 314 -18.95 32.55 25.44
N LYS A 315 -18.25 33.65 25.76
CA LYS A 315 -18.53 34.93 25.10
C LYS A 315 -18.14 34.89 23.64
N VAL A 316 -16.92 34.42 23.34
CA VAL A 316 -16.46 34.44 21.95
C VAL A 316 -17.19 33.43 21.10
N LEU A 317 -17.79 32.41 21.72
CA LEU A 317 -18.59 31.44 20.97
C LEU A 317 -19.97 31.99 20.64
N LEU A 318 -20.58 32.73 21.56
CA LEU A 318 -21.98 33.14 21.44
C LEU A 318 -22.16 34.58 20.95
N GLU A 319 -21.41 35.54 21.51
CA GLU A 319 -21.65 36.94 21.17
C GLU A 319 -21.51 37.24 19.69
N PRO A 320 -20.40 36.91 19.01
CA PRO A 320 -20.36 37.17 17.56
C PRO A 320 -21.40 36.38 16.79
N PHE A 321 -21.69 35.16 17.24
CA PHE A 321 -22.71 34.34 16.58
C PHE A 321 -24.09 34.99 16.70
N VAL A 322 -24.46 35.41 17.92
CA VAL A 322 -25.76 36.04 18.13
C VAL A 322 -25.87 37.33 17.33
N GLU A 323 -24.79 38.12 17.31
CA GLU A 323 -24.82 39.38 16.58
C GLU A 323 -25.04 39.16 15.09
N SER A 324 -24.46 38.10 14.53
CA SER A 324 -24.67 37.79 13.13
C SER A 324 -26.10 37.33 12.86
N ILE A 325 -26.68 36.56 13.80
CA ILE A 325 -28.08 36.18 13.66
C ILE A 325 -28.97 37.41 13.61
N TRP A 326 -28.71 38.38 14.49
CA TRP A 326 -29.44 39.64 14.44
C TRP A 326 -29.26 40.34 13.10
N ASP A 327 -28.05 40.28 12.55
CA ASP A 327 -27.77 40.93 11.26
C ASP A 327 -28.60 40.30 10.15
N ILE A 328 -28.57 38.97 10.04
CA ILE A 328 -29.28 38.30 8.95
C ILE A 328 -30.80 38.28 9.18
N SER A 329 -31.25 38.56 10.40
CA SER A 329 -32.68 38.59 10.66
C SER A 329 -33.31 39.94 10.29
N SER A 330 -32.54 41.02 10.43
CA SER A 330 -33.05 42.37 10.24
C SER A 330 -32.79 42.91 8.83
N GLY A 331 -32.33 42.08 7.91
CA GLY A 331 -32.07 42.57 6.56
C GLY A 331 -31.57 41.45 5.68
N ASP A 332 -31.54 41.74 4.38
CA ASP A 332 -31.17 40.78 3.36
C ASP A 332 -29.68 40.80 3.03
N ASP A 333 -28.86 41.38 3.91
CA ASP A 333 -27.43 41.44 3.67
C ASP A 333 -26.77 40.14 4.10
N GLU A 334 -25.61 39.85 3.52
CA GLU A 334 -24.87 38.64 3.81
C GLU A 334 -23.80 38.89 4.87
N ILE A 335 -23.45 37.82 5.60
CA ILE A 335 -22.34 37.90 6.53
C ILE A 335 -21.08 38.29 5.77
N ALA A 336 -20.32 39.21 6.35
CA ALA A 336 -19.21 39.81 5.62
C ALA A 336 -18.07 40.13 6.57
N GLU A 337 -16.87 40.23 5.99
CA GLU A 337 -15.69 40.74 6.68
C GLU A 337 -15.10 41.86 5.83
N LEU A 338 -14.71 42.95 6.49
CA LEU A 338 -14.09 44.08 5.83
C LEU A 338 -12.62 44.13 6.19
N PHE A 339 -11.77 44.31 5.18
CA PHE A 339 -10.33 44.39 5.41
C PHE A 339 -9.71 45.29 4.36
N THR A 340 -8.57 45.88 4.72
CA THR A 340 -7.89 46.85 3.89
C THR A 340 -6.47 46.38 3.59
N VAL A 341 -5.95 46.81 2.44
CA VAL A 341 -4.54 46.64 2.10
C VAL A 341 -4.07 47.93 1.42
N ARG A 342 -2.76 48.08 1.33
CA ARG A 342 -2.14 49.19 0.63
C ARG A 342 -1.44 48.66 -0.61
N VAL A 343 -1.75 49.25 -1.77
CA VAL A 343 -1.12 48.85 -3.02
C VAL A 343 -0.46 50.08 -3.63
N LYS A 344 0.53 49.84 -4.50
CA LYS A 344 1.20 50.93 -5.18
C LYS A 344 0.37 51.45 -6.35
N LYS A 345 -0.25 50.55 -7.10
CA LYS A 345 -1.02 50.89 -8.30
C LYS A 345 -2.45 50.41 -8.14
N LEU A 346 -3.39 51.25 -8.59
CA LEU A 346 -4.81 50.89 -8.57
C LEU A 346 -5.05 49.55 -9.26
N GLU A 347 -4.36 49.31 -10.39
CA GLU A 347 -4.58 48.08 -11.15
C GLU A 347 -4.30 46.83 -10.33
N THR A 348 -3.42 46.94 -9.32
CA THR A 348 -3.14 45.79 -8.48
C THR A 348 -4.38 45.34 -7.73
N ALA A 349 -5.24 46.28 -7.30
CA ALA A 349 -6.46 45.91 -6.60
C ALA A 349 -7.36 45.02 -7.46
N HIS A 350 -7.48 45.33 -8.75
CA HIS A 350 -8.30 44.50 -9.63
C HIS A 350 -7.65 43.15 -9.87
N LYS A 351 -6.31 43.10 -9.92
CA LYS A 351 -5.62 41.81 -9.98
C LYS A 351 -5.96 40.97 -8.76
N MET A 352 -6.05 41.60 -7.58
CA MET A 352 -6.37 40.85 -6.36
C MET A 352 -7.79 40.30 -6.41
N VAL A 353 -8.74 41.08 -6.93
CA VAL A 353 -10.13 40.61 -7.04
C VAL A 353 -10.18 39.37 -7.93
N THR A 354 -9.50 39.41 -9.07
CA THR A 354 -9.43 38.23 -9.94
C THR A 354 -8.79 37.05 -9.21
N HIS A 355 -7.74 37.31 -8.44
CA HIS A 355 -7.07 36.24 -7.70
C HIS A 355 -7.96 35.68 -6.61
N PHE A 356 -8.67 36.56 -5.88
CA PHE A 356 -9.61 36.09 -4.87
C PHE A 356 -10.65 35.15 -5.46
N GLU A 357 -11.12 35.46 -6.67
CA GLU A 357 -12.11 34.61 -7.32
C GLU A 357 -11.54 33.23 -7.65
N ARG A 358 -10.30 33.18 -8.14
CA ARG A 358 -9.65 31.88 -8.35
C ARG A 358 -9.57 31.07 -7.07
N LEU A 359 -9.41 31.74 -5.92
CA LEU A 359 -9.41 31.09 -4.62
C LEU A 359 -10.81 30.82 -4.10
N ARG A 360 -11.83 31.08 -4.91
CA ARG A 360 -13.23 30.85 -4.55
C ARG A 360 -13.68 31.71 -3.38
N LEU A 361 -13.08 32.89 -3.23
CA LEU A 361 -13.47 33.85 -2.20
C LEU A 361 -14.30 34.96 -2.85
N LYS A 362 -15.47 35.23 -2.27
CA LYS A 362 -16.42 36.18 -2.84
C LYS A 362 -16.07 37.57 -2.30
N ILE A 363 -15.16 38.25 -2.98
CA ILE A 363 -14.62 39.52 -2.52
C ILE A 363 -14.76 40.56 -3.63
N HIS A 364 -15.11 41.78 -3.24
CA HIS A 364 -15.17 42.91 -4.15
C HIS A 364 -14.64 44.14 -3.43
N ILE A 365 -14.33 45.17 -4.22
CA ILE A 365 -13.79 46.41 -3.67
C ILE A 365 -14.93 47.23 -3.06
N ASP A 366 -14.82 47.51 -1.76
CA ASP A 366 -15.85 48.26 -1.06
C ASP A 366 -15.53 49.74 -0.97
N ASP A 367 -14.26 50.11 -0.89
CA ASP A 367 -13.88 51.51 -0.76
C ASP A 367 -12.42 51.67 -1.16
N ILE A 368 -12.09 52.87 -1.64
CA ILE A 368 -10.73 53.21 -2.06
C ILE A 368 -10.39 54.59 -1.53
N GLU A 369 -9.12 54.79 -1.19
CA GLU A 369 -8.60 56.10 -0.82
C GLU A 369 -7.11 56.12 -1.11
N VAL A 370 -6.65 57.23 -1.67
CA VAL A 370 -5.22 57.46 -1.88
C VAL A 370 -4.63 58.05 -0.60
N LEU A 371 -3.52 57.47 -0.14
CA LEU A 371 -2.88 57.94 1.07
C LEU A 371 -1.90 59.06 0.75
N ASP A 372 -1.49 59.79 1.79
CA ASP A 372 -0.58 60.92 1.63
C ASP A 372 0.74 60.50 1.00
N ASN A 373 1.12 59.23 1.10
CA ASN A 373 2.36 58.74 0.52
C ASN A 373 2.18 58.25 -0.92
N GLY A 374 1.00 58.42 -1.50
CA GLY A 374 0.73 57.99 -2.86
C GLY A 374 0.24 56.58 -2.99
N TYR A 375 0.23 55.80 -1.91
CA TYR A 375 -0.30 54.45 -1.95
C TYR A 375 -1.83 54.46 -1.94
N TRP A 376 -2.41 53.43 -2.55
CA TRP A 376 -3.86 53.26 -2.56
C TRP A 376 -4.24 52.32 -1.42
N ARG A 377 -5.05 52.80 -0.49
CA ARG A 377 -5.63 51.95 0.54
C ARG A 377 -6.92 51.37 -0.01
N ILE A 378 -6.92 50.06 -0.25
CA ILE A 378 -8.07 49.36 -0.81
C ILE A 378 -8.81 48.67 0.31
N THR A 379 -10.12 48.90 0.40
CA THR A 379 -10.97 48.21 1.36
C THR A 379 -11.75 47.13 0.62
N PHE A 380 -11.45 45.88 0.92
CA PHE A 380 -12.15 44.75 0.33
C PHE A 380 -13.28 44.31 1.24
N LYS A 381 -14.35 43.77 0.64
CA LYS A 381 -15.45 43.17 1.37
C LYS A 381 -15.61 41.73 0.91
N ARG A 382 -15.48 40.79 1.84
CA ARG A 382 -15.71 39.37 1.57
C ARG A 382 -17.05 38.97 2.17
N VAL A 383 -17.88 38.29 1.38
CA VAL A 383 -19.17 37.82 1.84
C VAL A 383 -19.14 36.30 1.94
N TYR A 384 -20.04 35.76 2.76
CA TYR A 384 -20.14 34.33 3.03
C TYR A 384 -21.56 33.89 2.70
N PRO A 385 -21.86 33.65 1.42
CA PRO A 385 -23.26 33.34 1.05
C PRO A 385 -23.76 32.02 1.61
N ASP A 386 -22.92 30.99 1.68
CA ASP A 386 -23.37 29.70 2.18
C ASP A 386 -23.71 29.76 3.67
N ALA A 387 -22.82 30.36 4.47
CA ALA A 387 -23.10 30.51 5.90
C ALA A 387 -24.29 31.41 6.13
N THR A 388 -24.42 32.48 5.34
CA THR A 388 -25.59 33.35 5.44
C THR A 388 -26.87 32.60 5.15
N LYS A 389 -26.85 31.73 4.12
CA LYS A 389 -28.05 30.99 3.76
C LYS A 389 -28.45 30.01 4.86
N GLU A 390 -27.48 29.29 5.43
CA GLU A 390 -27.80 28.35 6.50
C GLU A 390 -28.31 29.08 7.75
N MET A 391 -27.66 30.19 8.11
CA MET A 391 -28.08 30.95 9.27
C MET A 391 -29.47 31.52 9.09
N ARG A 392 -29.76 32.07 7.91
CA ARG A 392 -31.08 32.67 7.68
C ARG A 392 -32.18 31.62 7.62
N GLU A 393 -31.90 30.46 7.01
CA GLU A 393 -32.88 29.38 6.98
C GLU A 393 -33.24 28.94 8.39
N LEU A 394 -32.24 28.76 9.25
CA LEU A 394 -32.49 28.38 10.64
C LEU A 394 -33.31 29.44 11.36
N TRP A 395 -32.99 30.72 11.15
CA TRP A 395 -33.77 31.78 11.78
C TRP A 395 -35.22 31.77 11.31
N ASN A 396 -35.45 31.42 10.05
CA ASN A 396 -36.79 31.42 9.48
C ASN A 396 -37.55 30.13 9.74
N GLY A 397 -37.05 29.28 10.64
CA GLY A 397 -37.79 28.13 11.11
C GLY A 397 -37.62 26.85 10.35
N HIS A 398 -36.62 26.75 9.48
CA HIS A 398 -36.37 25.50 8.78
C HIS A 398 -36.04 24.39 9.77
N ALA A 399 -36.68 23.22 9.58
CA ALA A 399 -36.52 22.09 10.48
C ALA A 399 -35.59 21.07 9.87
N PHE A 400 -34.66 20.56 10.68
CA PHE A 400 -33.67 19.59 10.24
C PHE A 400 -33.54 18.50 11.28
N VAL A 401 -33.02 17.35 10.84
CA VAL A 401 -32.76 16.26 11.78
C VAL A 401 -31.50 16.49 12.59
N ASP A 402 -30.57 17.30 12.09
CA ASP A 402 -29.41 17.74 12.86
C ASP A 402 -29.31 19.26 12.83
N MET B 22 -3.79 -43.40 -32.74
CA MET B 22 -2.67 -43.77 -33.59
C MET B 22 -1.37 -43.14 -33.11
N VAL B 23 -0.36 -43.97 -32.86
CA VAL B 23 0.98 -43.51 -32.53
C VAL B 23 1.94 -44.04 -33.58
N SER B 24 2.92 -43.21 -33.95
CA SER B 24 3.79 -43.52 -35.08
C SER B 24 4.73 -44.67 -34.74
N SER B 25 5.26 -45.30 -35.80
CA SER B 25 6.28 -46.33 -35.62
C SER B 25 7.55 -45.74 -35.01
N TYR B 26 7.79 -44.44 -35.19
CA TYR B 26 8.93 -43.78 -34.57
C TYR B 26 8.88 -43.90 -33.05
N PHE B 27 7.76 -43.47 -32.45
CA PHE B 27 7.62 -43.57 -31.00
C PHE B 27 7.56 -45.02 -30.55
N LYS B 28 6.85 -45.87 -31.30
CA LYS B 28 6.81 -47.29 -30.98
C LYS B 28 8.21 -47.88 -30.95
N GLY B 29 9.08 -47.45 -31.87
CA GLY B 29 10.46 -47.91 -31.85
C GLY B 29 11.18 -47.51 -30.59
N ILE B 30 11.00 -46.26 -30.16
CA ILE B 30 11.65 -45.80 -28.93
C ILE B 30 11.15 -46.59 -27.73
N LEU B 31 9.83 -46.81 -27.67
CA LEU B 31 9.28 -47.63 -26.59
C LEU B 31 9.87 -49.04 -26.64
N LEU B 32 10.06 -49.57 -27.84
CA LEU B 32 10.62 -50.93 -28.00
C LEU B 32 12.02 -51.04 -27.41
N ASN B 33 12.88 -50.06 -27.70
CA ASN B 33 14.21 -50.04 -27.09
C ASN B 33 14.13 -49.78 -25.59
N LEU B 34 13.17 -48.96 -25.17
CA LEU B 34 13.02 -48.82 -23.72
C LEU B 34 12.47 -50.13 -23.05
N GLY B 35 12.43 -51.25 -23.78
CA GLY B 35 12.09 -52.53 -23.19
C GLY B 35 10.63 -52.91 -23.13
N LEU B 36 9.77 -52.24 -23.91
CA LEU B 36 8.36 -52.63 -23.98
C LEU B 36 8.12 -53.55 -25.16
N ASP B 37 7.38 -54.62 -24.91
CA ASP B 37 7.10 -55.62 -25.93
C ASP B 37 6.06 -55.09 -26.90
N GLU B 38 6.14 -55.55 -28.15
CA GLU B 38 5.20 -55.12 -29.17
C GLU B 38 3.75 -55.37 -28.74
N GLU B 39 3.53 -56.45 -28.00
CA GLU B 39 2.18 -56.74 -27.51
C GLU B 39 1.71 -55.67 -26.54
N ARG B 40 2.52 -55.36 -25.52
CA ARG B 40 2.14 -54.33 -24.55
C ARG B 40 1.94 -52.98 -25.23
N ILE B 41 2.82 -52.63 -26.18
CA ILE B 41 2.64 -51.41 -26.95
C ILE B 41 1.28 -51.41 -27.65
N GLU B 42 0.88 -52.57 -28.19
CA GLU B 42 -0.41 -52.67 -28.86
C GLU B 42 -1.56 -52.44 -27.89
N VAL B 43 -1.52 -53.07 -26.72
CA VAL B 43 -2.57 -52.87 -25.73
C VAL B 43 -2.63 -51.41 -25.31
N LEU B 44 -1.48 -50.79 -25.07
CA LEU B 44 -1.45 -49.39 -24.66
C LEU B 44 -2.03 -48.48 -25.72
N GLU B 45 -1.66 -48.69 -26.99
CA GLU B 45 -2.22 -47.87 -28.06
C GLU B 45 -3.74 -48.02 -28.14
N ASN B 46 -4.24 -49.25 -28.14
CA ASN B 46 -5.67 -49.49 -28.24
C ASN B 46 -6.40 -48.90 -27.03
N LYS B 47 -5.91 -49.19 -25.83
CA LYS B 47 -6.54 -48.68 -24.61
C LYS B 47 -6.30 -47.19 -24.40
N GLY B 48 -5.41 -46.57 -25.16
CA GLY B 48 -5.09 -45.17 -24.97
C GLY B 48 -4.10 -44.88 -23.88
N GLY B 49 -3.38 -45.89 -23.38
CA GLY B 49 -2.39 -45.63 -22.34
C GLY B 49 -1.22 -44.81 -22.83
N ILE B 50 -0.92 -44.88 -24.12
CA ILE B 50 0.04 -44.00 -24.76
C ILE B 50 -0.69 -43.20 -25.82
N VAL B 51 -0.43 -41.90 -25.86
CA VAL B 51 -1.10 -40.98 -26.77
C VAL B 51 -0.09 -39.98 -27.28
N GLU B 52 -0.22 -39.61 -28.55
CA GLU B 52 0.62 -38.58 -29.12
C GLU B 52 0.07 -37.19 -28.79
N ASP B 53 0.97 -36.27 -28.49
CA ASP B 53 0.61 -34.88 -28.26
C ASP B 53 1.65 -34.00 -28.93
N GLU B 54 1.41 -32.69 -28.89
CA GLU B 54 2.30 -31.74 -29.56
C GLU B 54 2.19 -30.39 -28.87
N PHE B 55 3.33 -29.72 -28.72
CA PHE B 55 3.39 -28.37 -28.18
C PHE B 55 4.28 -27.52 -29.05
N GLU B 56 3.73 -26.42 -29.58
CA GLU B 56 4.45 -25.49 -30.45
C GLU B 56 5.26 -26.24 -31.53
N GLY B 57 4.59 -27.18 -32.18
CA GLY B 57 5.18 -27.93 -33.26
C GLY B 57 6.02 -29.12 -32.85
N MET B 58 6.22 -29.35 -31.56
CA MET B 58 7.07 -30.42 -31.07
C MET B 58 6.21 -31.61 -30.65
N ARG B 59 6.34 -32.71 -31.39
CA ARG B 59 5.54 -33.91 -31.16
C ARG B 59 6.20 -34.77 -30.09
N TYR B 60 5.38 -35.34 -29.21
CA TYR B 60 5.89 -36.23 -28.18
C TYR B 60 4.82 -37.24 -27.79
N LEU B 61 5.27 -38.30 -27.13
CA LEU B 61 4.39 -39.34 -26.61
C LEU B 61 4.20 -39.14 -25.12
N ARG B 62 2.96 -39.23 -24.66
CA ARG B 62 2.63 -39.07 -23.25
C ARG B 62 2.05 -40.37 -22.72
N LEU B 63 2.51 -40.78 -21.54
CA LEU B 63 2.04 -42.02 -20.92
C LEU B 63 0.89 -41.68 -19.98
N LYS B 64 -0.34 -41.79 -20.50
CA LYS B 64 -1.51 -41.61 -19.66
C LYS B 64 -1.61 -42.71 -18.59
N ASP B 65 -1.05 -43.88 -18.87
CA ASP B 65 -1.00 -44.97 -17.92
C ASP B 65 0.44 -45.46 -17.79
N SER B 66 0.74 -46.06 -16.64
CA SER B 66 2.09 -46.54 -16.38
C SER B 66 2.34 -47.85 -17.11
N ALA B 67 3.61 -48.08 -17.46
CA ALA B 67 3.99 -49.29 -18.18
C ALA B 67 5.43 -49.61 -17.81
N ARG B 68 5.60 -50.62 -16.95
CA ARG B 68 6.91 -51.17 -16.56
C ARG B 68 7.76 -50.04 -15.98
N SER B 69 8.96 -49.79 -16.49
CA SER B 69 9.82 -48.74 -15.98
C SER B 69 9.38 -47.34 -16.41
N LEU B 70 8.26 -47.23 -17.11
CA LEU B 70 7.77 -45.95 -17.61
C LEU B 70 6.52 -45.59 -16.79
N ARG B 71 6.68 -44.71 -15.82
CA ARG B 71 5.59 -44.29 -14.97
C ARG B 71 4.63 -43.35 -15.71
N ARG B 72 3.41 -43.26 -15.20
CA ARG B 72 2.45 -42.29 -15.71
C ARG B 72 3.04 -40.89 -15.65
N GLY B 73 2.79 -40.11 -16.72
CA GLY B 73 3.35 -38.79 -16.84
C GLY B 73 4.69 -38.73 -17.54
N THR B 74 5.27 -39.88 -17.88
CA THR B 74 6.48 -39.88 -18.70
C THR B 74 6.16 -39.35 -20.09
N VAL B 75 7.07 -38.54 -20.63
CA VAL B 75 6.91 -38.00 -21.96
C VAL B 75 8.16 -38.34 -22.77
N VAL B 76 7.96 -38.62 -24.05
CA VAL B 76 9.01 -39.09 -24.94
C VAL B 76 8.98 -38.21 -26.19
N PHE B 77 10.02 -37.40 -26.37
CA PHE B 77 10.17 -36.59 -27.58
C PHE B 77 11.07 -37.26 -28.61
N ASP B 78 12.12 -37.94 -28.15
CA ASP B 78 13.03 -38.69 -29.01
C ASP B 78 13.75 -39.69 -28.12
N GLU B 79 14.80 -40.31 -28.67
CA GLU B 79 15.53 -41.33 -27.92
C GLU B 79 16.20 -40.76 -26.67
N HIS B 80 16.64 -39.51 -26.72
CA HIS B 80 17.34 -38.91 -25.59
C HIS B 80 16.41 -38.12 -24.67
N ASN B 81 15.48 -37.35 -25.23
CA ASN B 81 14.62 -36.46 -24.45
C ASN B 81 13.44 -37.27 -23.91
N ILE B 82 13.72 -38.07 -22.89
CA ILE B 82 12.71 -38.83 -22.17
C ILE B 82 12.65 -38.27 -20.74
N ILE B 83 11.50 -37.73 -20.37
CA ILE B 83 11.29 -37.16 -19.04
C ILE B 83 10.40 -38.13 -18.28
N LEU B 84 10.99 -38.85 -17.32
CA LEU B 84 10.24 -39.87 -16.59
C LEU B 84 9.18 -39.23 -15.69
N GLY B 85 8.03 -39.89 -15.61
CA GLY B 85 7.00 -39.45 -14.68
C GLY B 85 7.47 -39.54 -13.24
N PHE B 86 6.85 -38.73 -12.40
CA PHE B 86 7.27 -38.68 -11.00
C PHE B 86 6.72 -39.87 -10.23
N PRO B 87 7.49 -40.45 -9.30
CA PRO B 87 6.97 -41.55 -8.50
C PRO B 87 5.93 -41.04 -7.51
N HIS B 88 4.90 -41.86 -7.29
CA HIS B 88 3.94 -41.55 -6.24
C HIS B 88 4.65 -41.63 -4.89
N ILE B 89 4.59 -40.54 -4.13
CA ILE B 89 5.25 -40.49 -2.83
C ILE B 89 4.36 -41.14 -1.79
N LYS B 90 4.93 -42.09 -1.05
CA LYS B 90 4.19 -42.76 0.01
C LYS B 90 4.19 -41.91 1.28
N ARG B 91 3.07 -41.93 1.99
CA ARG B 91 2.92 -41.20 3.24
C ARG B 91 2.80 -42.17 4.41
N VAL B 92 3.19 -41.69 5.58
CA VAL B 92 2.93 -42.39 6.84
C VAL B 92 1.89 -41.58 7.61
N VAL B 93 1.05 -42.30 8.35
CA VAL B 93 0.09 -41.64 9.23
C VAL B 93 0.54 -41.65 10.68
N GLN B 94 1.53 -42.48 11.03
CA GLN B 94 2.12 -42.52 12.36
C GLN B 94 3.59 -42.14 12.19
N LEU B 95 3.97 -40.98 12.73
CA LEU B 95 5.27 -40.39 12.39
C LEU B 95 6.41 -41.18 12.99
N GLU B 96 6.37 -41.44 14.30
CA GLU B 96 7.49 -42.11 14.97
C GLU B 96 7.69 -43.51 14.42
N ASN B 97 6.64 -44.31 14.35
CA ASN B 97 6.76 -45.66 13.82
C ASN B 97 7.00 -45.65 12.32
N GLY B 98 6.48 -44.63 11.62
CA GLY B 98 6.76 -44.50 10.20
C GLY B 98 8.23 -44.24 9.93
N ILE B 99 8.86 -43.40 10.75
CA ILE B 99 10.29 -43.14 10.62
C ILE B 99 11.10 -44.40 10.90
N ARG B 100 10.78 -45.09 12.00
CA ARG B 100 11.51 -46.30 12.36
C ARG B 100 11.43 -47.35 11.25
N ARG B 101 10.23 -47.53 10.68
CA ARG B 101 10.09 -48.53 9.62
C ARG B 101 10.85 -48.13 8.37
N ALA B 102 10.83 -46.84 8.02
CA ALA B 102 11.45 -46.39 6.77
C ALA B 102 12.96 -46.23 6.91
N PHE B 103 13.42 -45.60 7.99
CA PHE B 103 14.83 -45.24 8.13
C PHE B 103 15.55 -45.92 9.28
N LYS B 104 14.85 -46.63 10.16
CA LYS B 104 15.42 -47.19 11.39
C LYS B 104 16.03 -46.01 12.16
N ARG B 105 17.31 -46.05 12.52
CA ARG B 105 17.93 -44.96 13.25
C ARG B 105 18.93 -44.17 12.40
N LYS B 106 18.90 -44.36 11.08
CA LYS B 106 19.79 -43.64 10.19
C LYS B 106 19.26 -42.23 9.91
N PRO B 107 20.14 -41.31 9.52
CA PRO B 107 19.72 -39.92 9.32
C PRO B 107 18.92 -39.75 8.03
N PHE B 108 18.09 -38.70 8.04
CA PHE B 108 17.33 -38.32 6.85
C PHE B 108 17.11 -36.81 6.86
N TYR B 109 17.03 -36.24 5.67
CA TYR B 109 16.71 -34.83 5.54
C TYR B 109 15.21 -34.62 5.67
N VAL B 110 14.83 -33.50 6.28
CA VAL B 110 13.43 -33.15 6.47
C VAL B 110 13.19 -31.86 5.69
N GLU B 111 12.38 -31.95 4.64
CA GLU B 111 12.03 -30.82 3.81
C GLU B 111 10.56 -30.46 4.02
N GLU B 112 10.23 -29.20 3.76
CA GLU B 112 8.83 -28.80 3.83
C GLU B 112 8.07 -29.38 2.64
N LYS B 113 6.90 -29.94 2.93
CA LYS B 113 5.96 -30.35 1.89
C LYS B 113 5.11 -29.14 1.50
N VAL B 114 5.33 -28.62 0.30
CA VAL B 114 4.67 -27.40 -0.15
C VAL B 114 3.40 -27.78 -0.90
N ASP B 115 2.30 -27.12 -0.56
CA ASP B 115 0.98 -27.43 -1.13
C ASP B 115 0.80 -26.65 -2.42
N GLY B 116 1.07 -27.30 -3.54
CA GLY B 116 0.90 -26.69 -4.86
C GLY B 116 0.66 -27.74 -5.90
N TYR B 117 1.27 -27.58 -7.07
CA TYR B 117 1.19 -28.60 -8.11
C TYR B 117 2.57 -28.92 -8.64
N ASN B 118 2.75 -30.18 -9.02
CA ASN B 118 4.02 -30.72 -9.42
C ASN B 118 4.38 -30.30 -10.84
N VAL B 119 5.65 -29.97 -11.07
CA VAL B 119 6.15 -29.63 -12.40
C VAL B 119 7.53 -30.24 -12.60
N ARG B 120 7.81 -30.61 -13.85
CA ARG B 120 9.14 -31.01 -14.29
C ARG B 120 9.60 -30.05 -15.38
N VAL B 121 10.77 -29.45 -15.19
CA VAL B 121 11.31 -28.45 -16.10
C VAL B 121 12.52 -29.05 -16.80
N ALA B 122 12.49 -29.07 -18.13
CA ALA B 122 13.59 -29.62 -18.91
C ALA B 122 13.76 -28.81 -20.19
N LYS B 123 14.97 -28.87 -20.73
CA LYS B 123 15.30 -28.24 -22.00
C LYS B 123 15.19 -29.29 -23.12
N ILE B 124 14.26 -29.08 -24.04
CA ILE B 124 14.09 -29.95 -25.19
C ILE B 124 14.38 -29.13 -26.44
N GLY B 125 15.43 -29.49 -27.15
CA GLY B 125 15.89 -28.67 -28.25
C GLY B 125 16.38 -27.34 -27.73
N GLU B 126 15.84 -26.25 -28.28
CA GLU B 126 16.14 -24.91 -27.81
C GLU B 126 15.06 -24.37 -26.89
N LYS B 127 14.07 -25.19 -26.53
CA LYS B 127 12.92 -24.74 -25.75
C LYS B 127 12.99 -25.27 -24.32
N ILE B 128 12.46 -24.49 -23.40
CA ILE B 128 12.30 -24.88 -22.00
C ILE B 128 10.82 -25.22 -21.80
N LEU B 129 10.52 -26.49 -21.60
CA LEU B 129 9.16 -26.97 -21.44
C LEU B 129 8.91 -27.34 -19.98
N VAL B 130 7.68 -27.09 -19.53
CA VAL B 130 7.27 -27.40 -18.17
C VAL B 130 6.12 -28.39 -18.24
N PHE B 131 6.28 -29.55 -17.62
CA PHE B 131 5.31 -30.63 -17.68
C PHE B 131 4.64 -30.79 -16.33
N THR B 132 3.32 -30.94 -16.33
CA THR B 132 2.60 -31.25 -15.11
C THR B 132 2.61 -32.77 -14.88
N ARG B 133 2.04 -33.18 -13.75
CA ARG B 133 2.09 -34.58 -13.32
C ARG B 133 1.65 -35.53 -14.44
N GLY B 134 0.57 -35.20 -15.14
CA GLY B 134 0.04 -36.09 -16.16
C GLY B 134 0.85 -36.15 -17.44
N GLY B 135 1.84 -35.28 -17.59
CA GLY B 135 2.65 -35.25 -18.79
C GLY B 135 2.24 -34.22 -19.83
N PHE B 136 1.34 -33.30 -19.48
CA PHE B 136 0.98 -32.22 -20.38
C PHE B 136 1.97 -31.07 -20.23
N VAL B 137 2.28 -30.41 -21.34
CA VAL B 137 3.01 -29.15 -21.27
C VAL B 137 2.06 -28.09 -20.75
N CYS B 138 2.40 -27.51 -19.60
CA CYS B 138 1.55 -26.47 -19.04
C CYS B 138 1.81 -25.16 -19.78
N PRO B 139 0.84 -24.65 -20.53
CA PRO B 139 1.08 -23.37 -21.24
C PRO B 139 1.32 -22.21 -20.31
N PHE B 140 0.69 -22.22 -19.12
CA PHE B 140 0.90 -21.14 -18.16
C PHE B 140 2.31 -21.18 -17.59
N THR B 141 2.69 -22.30 -16.97
CA THR B 141 3.98 -22.38 -16.30
C THR B 141 5.13 -22.28 -17.30
N THR B 142 4.95 -22.77 -18.52
CA THR B 142 5.99 -22.66 -19.53
C THR B 142 6.19 -21.20 -19.94
N GLU B 143 5.10 -20.43 -20.05
CA GLU B 143 5.22 -19.03 -20.44
C GLU B 143 6.00 -18.23 -19.41
N ARG B 144 5.83 -18.54 -18.13
CA ARG B 144 6.37 -17.72 -17.05
C ARG B 144 7.54 -18.37 -16.33
N ILE B 145 8.06 -19.47 -16.85
CA ILE B 145 9.10 -20.23 -16.15
C ILE B 145 10.29 -19.33 -15.84
N GLU B 146 10.64 -18.41 -16.74
CA GLU B 146 11.78 -17.53 -16.51
C GLU B 146 11.50 -16.48 -15.45
N ASP B 147 10.25 -16.31 -15.01
CA ASP B 147 9.97 -15.47 -13.87
C ASP B 147 10.36 -16.13 -12.56
N PHE B 148 10.37 -17.46 -12.52
CA PHE B 148 10.62 -18.21 -11.30
C PHE B 148 12.05 -18.73 -11.20
N ILE B 149 12.69 -19.06 -12.33
CA ILE B 149 14.03 -19.61 -12.35
C ILE B 149 14.83 -18.99 -13.48
N THR B 150 16.15 -19.10 -13.37
CA THR B 150 17.08 -18.74 -14.43
C THR B 150 17.39 -19.98 -15.26
N LEU B 151 17.72 -19.77 -16.53
CA LEU B 151 18.02 -20.87 -17.45
C LEU B 151 19.50 -21.25 -17.50
N ASP B 152 20.35 -20.61 -16.68
CA ASP B 152 21.77 -20.95 -16.65
C ASP B 152 21.98 -22.43 -16.34
N PHE B 153 21.13 -23.00 -15.48
CA PHE B 153 21.30 -24.40 -15.10
C PHE B 153 21.25 -25.32 -16.31
N PHE B 154 20.33 -25.06 -17.24
CA PHE B 154 20.19 -25.92 -18.40
C PHE B 154 21.28 -25.70 -19.43
N LYS B 155 21.99 -24.57 -19.38
CA LYS B 155 23.17 -24.41 -20.20
C LYS B 155 24.26 -25.41 -19.82
N ASP B 156 24.41 -25.67 -18.53
CA ASP B 156 25.44 -26.57 -18.03
C ASP B 156 24.96 -28.00 -17.83
N TYR B 157 23.66 -28.20 -17.56
CA TYR B 157 23.10 -29.53 -17.32
C TYR B 157 21.89 -29.77 -18.22
N PRO B 158 22.09 -29.80 -19.54
CA PRO B 158 20.94 -29.97 -20.44
C PRO B 158 20.24 -31.32 -20.33
N ASN B 159 20.89 -32.31 -19.73
CA ASN B 159 20.31 -33.64 -19.57
C ASN B 159 19.66 -33.84 -18.21
N MET B 160 19.48 -32.78 -17.44
CA MET B 160 18.89 -32.86 -16.10
C MET B 160 17.51 -32.23 -16.11
N VAL B 161 16.67 -32.69 -15.20
CA VAL B 161 15.28 -32.26 -15.10
C VAL B 161 15.07 -31.64 -13.73
N LEU B 162 14.61 -30.38 -13.71
CA LEU B 162 14.29 -29.71 -12.46
C LEU B 162 12.88 -30.10 -12.04
N CYS B 163 12.75 -30.67 -10.84
CA CYS B 163 11.47 -31.09 -10.30
C CYS B 163 11.13 -30.21 -9.11
N GLY B 164 9.95 -29.60 -9.15
CA GLY B 164 9.58 -28.68 -8.08
C GLY B 164 8.08 -28.48 -8.00
N GLU B 165 7.69 -27.70 -7.01
CA GLU B 165 6.28 -27.39 -6.75
C GLU B 165 6.02 -25.93 -7.07
N MET B 166 4.99 -25.69 -7.89
CA MET B 166 4.47 -24.35 -8.11
C MET B 166 3.38 -24.09 -7.08
N ALA B 167 3.58 -23.09 -6.21
CA ALA B 167 2.67 -22.85 -5.12
C ALA B 167 2.53 -21.36 -4.86
N GLY B 168 1.32 -20.94 -4.53
CA GLY B 168 1.03 -19.55 -4.25
C GLY B 168 -0.47 -19.29 -4.21
N PRO B 169 -0.85 -18.06 -3.90
CA PRO B 169 -2.29 -17.73 -3.83
C PRO B 169 -2.94 -17.53 -5.18
N GLU B 170 -2.17 -17.38 -6.25
CA GLU B 170 -2.69 -17.18 -7.60
C GLU B 170 -2.21 -18.34 -8.47
N SER B 171 -2.87 -19.50 -8.29
CA SER B 171 -2.49 -20.75 -8.93
C SER B 171 -3.55 -21.21 -9.92
N PRO B 172 -3.14 -21.71 -11.09
CA PRO B 172 -4.12 -22.23 -12.06
C PRO B 172 -4.77 -23.53 -11.64
N TYR B 173 -4.18 -24.28 -10.71
CA TYR B 173 -4.64 -25.62 -10.38
C TYR B 173 -5.04 -25.82 -8.93
N LEU B 174 -4.78 -24.84 -8.05
CA LEU B 174 -5.17 -24.94 -6.66
C LEU B 174 -5.83 -23.65 -6.20
N VAL B 175 -6.62 -23.76 -5.14
CA VAL B 175 -7.24 -22.61 -4.48
C VAL B 175 -6.67 -22.39 -3.08
N GLU B 176 -5.59 -23.10 -2.74
CA GLU B 176 -4.89 -22.91 -1.47
C GLU B 176 -3.40 -22.91 -1.76
N GLY B 177 -2.61 -22.55 -0.73
CA GLY B 177 -1.18 -22.48 -0.89
C GLY B 177 -0.44 -22.09 0.37
N PRO B 178 0.88 -22.01 0.29
CA PRO B 178 1.68 -21.68 1.47
C PRO B 178 1.40 -20.26 1.93
N PRO B 179 1.50 -20.00 3.23
CA PRO B 179 1.11 -18.68 3.75
C PRO B 179 2.14 -17.58 3.49
N TYR B 180 3.41 -17.96 3.34
CA TYR B 180 4.48 -16.98 3.17
C TYR B 180 4.61 -16.47 1.74
N VAL B 181 3.80 -16.96 0.81
CA VAL B 181 3.76 -16.45 -0.56
C VAL B 181 2.58 -15.49 -0.64
N LYS B 182 2.87 -14.19 -0.68
CA LYS B 182 1.83 -13.18 -0.54
C LYS B 182 1.11 -12.87 -1.85
N GLU B 183 1.71 -13.17 -2.99
CA GLU B 183 1.07 -12.88 -4.27
C GLU B 183 1.66 -13.77 -5.34
N ASP B 184 0.96 -13.84 -6.47
CA ASP B 184 1.42 -14.53 -7.68
C ASP B 184 1.68 -16.00 -7.32
N ILE B 185 2.78 -16.58 -7.77
CA ILE B 185 3.08 -18.00 -7.57
C ILE B 185 4.59 -18.16 -7.62
N GLN B 186 5.09 -19.23 -6.99
CA GLN B 186 6.53 -19.44 -6.89
C GLN B 186 6.85 -20.91 -7.15
N PHE B 187 8.09 -21.13 -7.58
CA PHE B 187 8.64 -22.46 -7.80
C PHE B 187 9.48 -22.87 -6.59
N PHE B 188 9.33 -24.12 -6.15
CA PHE B 188 10.08 -24.66 -5.03
C PHE B 188 10.69 -25.99 -5.46
N LEU B 189 12.02 -26.00 -5.66
CA LEU B 189 12.70 -27.20 -6.11
C LEU B 189 12.73 -28.25 -4.99
N PHE B 190 12.41 -29.50 -5.34
CA PHE B 190 12.56 -30.60 -4.39
C PHE B 190 13.27 -31.82 -4.97
N ASP B 191 13.70 -31.78 -6.23
CA ASP B 191 14.46 -32.88 -6.82
C ASP B 191 15.07 -32.42 -8.13
N ILE B 192 16.20 -33.04 -8.49
CA ILE B 192 16.81 -32.91 -9.80
C ILE B 192 17.03 -34.31 -10.33
N GLN B 193 16.41 -34.64 -11.47
CA GLN B 193 16.44 -35.99 -12.00
C GLN B 193 17.07 -36.01 -13.38
N GLU B 194 17.69 -37.14 -13.71
CA GLU B 194 18.31 -37.34 -15.02
C GLU B 194 17.26 -37.80 -16.02
N LYS B 195 17.39 -37.33 -17.26
CA LYS B 195 16.53 -37.80 -18.33
C LYS B 195 16.70 -39.30 -18.53
N LYS B 196 15.64 -39.92 -19.05
CA LYS B 196 15.64 -41.34 -19.40
C LYS B 196 15.70 -42.24 -18.17
N THR B 197 16.71 -42.06 -17.33
CA THR B 197 16.84 -42.90 -16.14
C THR B 197 15.93 -42.44 -15.01
N GLY B 198 15.62 -41.14 -14.93
CA GLY B 198 14.90 -40.62 -13.79
C GLY B 198 15.67 -40.60 -12.49
N ARG B 199 16.97 -40.87 -12.53
CA ARG B 199 17.77 -40.94 -11.31
C ARG B 199 17.83 -39.60 -10.61
N SER B 200 17.56 -39.61 -9.31
CA SER B 200 17.58 -38.40 -8.50
C SER B 200 18.98 -38.14 -7.98
N LEU B 201 19.41 -36.88 -8.03
CA LEU B 201 20.68 -36.50 -7.45
C LEU B 201 20.59 -36.58 -5.93
N PRO B 202 21.69 -36.93 -5.27
CA PRO B 202 21.71 -36.90 -3.80
C PRO B 202 21.32 -35.53 -3.28
N VAL B 203 20.79 -35.49 -2.05
CA VAL B 203 20.24 -34.26 -1.49
C VAL B 203 21.31 -33.17 -1.48
N GLU B 204 22.50 -33.49 -0.97
CA GLU B 204 23.56 -32.50 -0.85
C GLU B 204 23.93 -31.91 -2.19
N GLU B 205 24.08 -32.76 -3.22
CA GLU B 205 24.42 -32.26 -4.55
C GLU B 205 23.30 -31.38 -5.11
N ARG B 206 22.05 -31.78 -4.89
CA ARG B 206 20.93 -30.97 -5.37
C ARG B 206 20.93 -29.59 -4.72
N LEU B 207 21.12 -29.54 -3.40
CA LEU B 207 21.12 -28.25 -2.70
C LEU B 207 22.31 -27.40 -3.11
N LYS B 208 23.46 -28.02 -3.38
CA LYS B 208 24.61 -27.25 -3.87
C LYS B 208 24.31 -26.62 -5.23
N LEU B 209 23.69 -27.38 -6.13
CA LEU B 209 23.32 -26.84 -7.43
C LEU B 209 22.28 -25.74 -7.30
N ALA B 210 21.30 -25.92 -6.39
CA ALA B 210 20.25 -24.91 -6.22
C ALA B 210 20.84 -23.57 -5.81
N GLU B 211 21.81 -23.59 -4.88
CA GLU B 211 22.46 -22.35 -4.48
C GLU B 211 23.31 -21.80 -5.63
N GLU B 212 24.05 -22.67 -6.32
CA GLU B 212 24.95 -22.22 -7.38
C GLU B 212 24.18 -21.48 -8.48
N TYR B 213 23.01 -21.98 -8.85
CA TYR B 213 22.25 -21.43 -9.96
C TYR B 213 21.06 -20.61 -9.50
N GLY B 214 20.95 -20.33 -8.20
CA GLY B 214 19.87 -19.50 -7.69
C GLY B 214 18.49 -20.07 -7.88
N ILE B 215 18.37 -21.39 -7.94
CA ILE B 215 17.07 -22.03 -8.07
C ILE B 215 16.38 -22.02 -6.71
N PRO B 216 15.21 -21.41 -6.59
CA PRO B 216 14.50 -21.42 -5.30
C PRO B 216 14.17 -22.84 -4.88
N SER B 217 14.32 -23.11 -3.59
CA SER B 217 14.22 -24.46 -3.05
C SER B 217 13.13 -24.53 -1.99
N VAL B 218 12.57 -25.73 -1.81
CA VAL B 218 11.77 -25.99 -0.62
C VAL B 218 12.65 -25.78 0.61
N GLU B 219 12.03 -25.37 1.71
CA GLU B 219 12.81 -25.21 2.94
C GLU B 219 13.28 -26.57 3.44
N VAL B 220 14.57 -26.67 3.72
CA VAL B 220 15.17 -27.86 4.30
C VAL B 220 15.36 -27.56 5.79
N PHE B 221 14.64 -28.28 6.64
CA PHE B 221 14.71 -28.01 8.06
C PHE B 221 15.97 -28.58 8.71
N GLY B 222 16.59 -29.59 8.09
CA GLY B 222 17.86 -30.08 8.54
C GLY B 222 17.91 -31.60 8.45
N LEU B 223 18.96 -32.16 9.05
CA LEU B 223 19.16 -33.60 9.11
C LEU B 223 18.68 -34.09 10.47
N TYR B 224 17.76 -35.05 10.48
CA TYR B 224 17.15 -35.58 11.70
C TYR B 224 17.32 -37.09 11.72
N ASP B 225 16.88 -37.70 12.83
CA ASP B 225 16.82 -39.14 12.94
C ASP B 225 15.76 -39.50 13.98
N LEU B 226 15.51 -40.80 14.11
CA LEU B 226 14.45 -41.28 15.00
C LEU B 226 14.64 -40.76 16.43
N SER B 227 15.90 -40.69 16.88
CA SER B 227 16.18 -40.23 18.23
C SER B 227 15.71 -38.80 18.48
N ARG B 228 15.48 -38.02 17.42
CA ARG B 228 15.02 -36.64 17.53
C ARG B 228 13.52 -36.51 17.21
N ILE B 229 12.75 -37.55 17.48
CA ILE B 229 11.33 -37.56 17.14
C ILE B 229 10.58 -36.42 17.82
N ASP B 230 11.00 -36.05 19.04
CA ASP B 230 10.28 -34.99 19.76
C ASP B 230 10.49 -33.64 19.10
N GLU B 231 11.69 -33.39 18.56
CA GLU B 231 11.90 -32.17 17.79
C GLU B 231 11.04 -32.16 16.53
N LEU B 232 10.87 -33.33 15.91
CA LEU B 232 10.03 -33.41 14.71
C LEU B 232 8.57 -33.18 15.04
N HIS B 233 8.12 -33.68 16.19
CA HIS B 233 6.76 -33.38 16.64
C HIS B 233 6.58 -31.89 16.87
N ALA B 234 7.56 -31.25 17.51
CA ALA B 234 7.51 -29.81 17.69
C ALA B 234 7.49 -29.08 16.36
N LEU B 235 8.20 -29.60 15.37
CA LEU B 235 8.17 -29.03 14.03
C LEU B 235 6.78 -29.13 13.43
N ILE B 236 6.16 -30.31 13.53
CA ILE B 236 4.80 -30.49 13.02
C ILE B 236 3.83 -29.53 13.68
N ASP B 237 3.95 -29.34 15.00
CA ASP B 237 3.06 -28.43 15.70
C ASP B 237 3.23 -26.99 15.20
N ARG B 238 4.47 -26.58 14.96
CA ARG B 238 4.72 -25.24 14.43
C ARG B 238 4.15 -25.10 13.02
N LEU B 239 4.41 -26.09 12.16
CA LEU B 239 3.92 -26.03 10.80
C LEU B 239 2.39 -25.99 10.76
N THR B 240 1.74 -26.75 11.64
CA THR B 240 0.29 -26.74 11.72
C THR B 240 -0.24 -25.37 12.10
N LYS B 241 0.34 -24.76 13.14
CA LYS B 241 -0.09 -23.42 13.55
C LYS B 241 0.17 -22.39 12.48
N GLU B 242 1.21 -22.59 11.66
CA GLU B 242 1.55 -21.68 10.58
C GLU B 242 0.79 -21.97 9.30
N LYS B 243 -0.12 -22.95 9.32
CA LYS B 243 -0.95 -23.30 8.16
C LYS B 243 -0.10 -23.83 7.00
N ARG B 244 0.86 -24.69 7.32
CA ARG B 244 1.70 -25.34 6.32
C ARG B 244 1.39 -26.83 6.28
N GLU B 245 1.73 -27.46 5.15
CA GLU B 245 1.18 -28.78 4.85
C GLU B 245 1.88 -29.90 5.61
N GLY B 246 3.19 -29.81 5.81
CA GLY B 246 3.88 -30.88 6.49
C GLY B 246 5.31 -31.01 5.99
N ILE B 247 5.81 -32.25 5.99
CA ILE B 247 7.20 -32.53 5.69
C ILE B 247 7.33 -33.72 4.75
N VAL B 248 8.45 -33.76 4.05
CA VAL B 248 8.88 -34.93 3.29
C VAL B 248 10.27 -35.32 3.79
N MET B 249 10.42 -36.58 4.18
CA MET B 249 11.68 -37.09 4.70
C MET B 249 12.37 -37.91 3.62
N LYS B 250 13.66 -37.63 3.41
CA LYS B 250 14.41 -38.25 2.32
C LYS B 250 15.77 -38.70 2.82
N SER B 251 16.13 -39.95 2.52
CA SER B 251 17.48 -40.41 2.77
C SER B 251 18.46 -39.57 1.96
N PRO B 252 19.68 -39.39 2.46
CA PRO B 252 20.68 -38.58 1.72
C PRO B 252 20.87 -39.03 0.27
N ASP B 253 20.71 -40.33 -0.01
CA ASP B 253 20.85 -40.83 -1.38
C ASP B 253 19.54 -40.78 -2.16
N MET B 254 18.49 -40.21 -1.59
CA MET B 254 17.18 -40.01 -2.23
C MET B 254 16.48 -41.32 -2.59
N LYS B 255 16.95 -42.46 -2.06
CA LYS B 255 16.32 -43.73 -2.38
C LYS B 255 15.10 -44.03 -1.51
N LYS B 256 15.01 -43.44 -0.33
CA LYS B 256 13.89 -43.66 0.58
C LYS B 256 13.24 -42.32 0.90
N ILE B 257 11.97 -42.17 0.53
CA ILE B 257 11.24 -40.92 0.66
C ILE B 257 9.86 -41.21 1.24
N VAL B 258 9.48 -40.46 2.28
CA VAL B 258 8.18 -40.63 2.90
C VAL B 258 7.68 -39.26 3.35
N GLY B 259 6.39 -38.99 3.13
CA GLY B 259 5.77 -37.75 3.51
C GLY B 259 4.88 -37.90 4.73
N TYR B 260 4.71 -36.79 5.45
CA TYR B 260 3.83 -36.73 6.61
C TYR B 260 3.18 -35.36 6.64
N VAL B 261 1.85 -35.34 6.76
CA VAL B 261 1.05 -34.14 6.57
C VAL B 261 0.50 -33.66 7.92
N THR B 262 0.38 -32.34 8.06
CA THR B 262 -0.12 -31.74 9.28
C THR B 262 -1.62 -31.96 9.44
N PRO B 263 -2.14 -31.85 10.66
CA PRO B 263 -3.60 -31.85 10.83
C PRO B 263 -4.27 -30.67 10.15
N TYR B 264 -3.62 -29.50 10.11
CA TYR B 264 -4.20 -28.36 9.39
C TYR B 264 -4.47 -28.71 7.93
N ALA B 265 -3.46 -29.29 7.26
CA ALA B 265 -3.60 -29.63 5.85
C ALA B 265 -4.75 -30.60 5.63
N ASN B 266 -4.88 -31.60 6.50
CA ASN B 266 -5.98 -32.56 6.35
C ASN B 266 -7.32 -31.87 6.55
N ILE B 267 -7.41 -30.98 7.54
CA ILE B 267 -8.67 -30.28 7.81
C ILE B 267 -9.00 -29.32 6.68
N ASN B 268 -8.01 -28.53 6.25
CA ASN B 268 -8.25 -27.56 5.18
C ASN B 268 -8.59 -28.24 3.86
N ASP B 269 -7.97 -29.39 3.58
CA ASP B 269 -8.34 -30.16 2.40
C ASP B 269 -9.82 -30.52 2.43
N ILE B 270 -10.31 -30.98 3.58
CA ILE B 270 -11.72 -31.31 3.73
C ILE B 270 -12.59 -30.07 3.48
N LYS B 271 -12.18 -28.93 4.06
CA LYS B 271 -12.95 -27.70 3.91
C LYS B 271 -13.13 -27.33 2.44
N ILE B 272 -12.05 -27.43 1.66
CA ILE B 272 -12.12 -27.08 0.25
C ILE B 272 -13.00 -28.07 -0.52
N GLY B 273 -12.83 -29.36 -0.25
CA GLY B 273 -13.61 -30.36 -0.96
C GLY B 273 -15.08 -30.37 -0.58
N ALA B 274 -15.40 -30.01 0.66
CA ALA B 274 -16.77 -30.08 1.15
C ALA B 274 -17.72 -29.14 0.41
N ARG B 275 -17.20 -28.11 -0.24
CA ARG B 275 -18.06 -27.26 -1.06
C ARG B 275 -18.63 -28.02 -2.24
N ILE B 276 -17.92 -29.03 -2.71
CA ILE B 276 -18.35 -29.85 -3.84
C ILE B 276 -18.91 -31.19 -3.37
N PHE B 277 -18.19 -31.86 -2.46
CA PHE B 277 -18.60 -33.10 -1.83
C PHE B 277 -18.78 -34.26 -2.81
N PHE B 278 -19.62 -34.07 -3.82
CA PHE B 278 -19.91 -35.15 -4.76
C PHE B 278 -18.88 -35.18 -5.88
N ASP B 279 -18.69 -36.38 -6.46
CA ASP B 279 -17.86 -36.59 -7.63
C ASP B 279 -16.39 -36.26 -7.37
N LEU B 280 -15.95 -36.40 -6.13
CA LEU B 280 -14.54 -36.23 -5.78
C LEU B 280 -13.83 -37.57 -5.79
N PRO B 281 -12.49 -37.58 -5.78
CA PRO B 281 -11.76 -38.86 -5.78
C PRO B 281 -12.19 -39.75 -4.61
N HIS B 282 -12.19 -41.05 -4.88
CA HIS B 282 -12.70 -42.02 -3.91
C HIS B 282 -11.88 -41.97 -2.62
N GLY B 283 -12.58 -41.92 -1.49
CA GLY B 283 -11.91 -41.89 -0.21
C GLY B 283 -11.28 -40.58 0.16
N TYR B 284 -11.52 -39.51 -0.61
CA TYR B 284 -10.85 -38.23 -0.36
C TYR B 284 -11.06 -37.78 1.08
N PHE B 285 -12.31 -37.81 1.55
CA PHE B 285 -12.58 -37.37 2.92
C PHE B 285 -12.19 -38.44 3.95
N MET B 286 -12.43 -39.73 3.65
CA MET B 286 -12.05 -40.78 4.61
C MET B 286 -10.54 -40.78 4.87
N GLN B 287 -9.73 -40.58 3.83
CA GLN B 287 -8.28 -40.58 4.01
C GLN B 287 -7.85 -39.49 4.98
N ARG B 288 -8.47 -38.32 4.88
CA ARG B 288 -8.08 -37.21 5.74
C ARG B 288 -8.58 -37.40 7.17
N ILE B 289 -9.78 -37.96 7.33
CA ILE B 289 -10.26 -38.31 8.66
C ILE B 289 -9.34 -39.35 9.29
N LYS B 290 -8.92 -40.34 8.50
CA LYS B 290 -8.00 -41.36 8.99
C LYS B 290 -6.70 -40.73 9.49
N ARG B 291 -6.13 -39.81 8.70
CA ARG B 291 -4.87 -39.17 9.10
C ARG B 291 -5.06 -38.31 10.35
N LEU B 292 -6.22 -37.68 10.52
CA LEU B 292 -6.49 -36.92 11.72
C LEU B 292 -6.55 -37.82 12.96
N ALA B 293 -7.26 -38.95 12.84
CA ALA B 293 -7.42 -39.84 13.99
C ALA B 293 -6.09 -40.41 14.44
N PHE B 294 -5.22 -40.78 13.50
CA PHE B 294 -3.93 -41.34 13.86
C PHE B 294 -3.02 -40.28 14.49
N TYR B 295 -3.15 -39.02 14.06
CA TYR B 295 -2.40 -37.95 14.72
C TYR B 295 -2.87 -37.76 16.16
N LEU B 296 -4.19 -37.75 16.37
CA LEU B 296 -4.72 -37.60 17.72
C LEU B 296 -4.32 -38.78 18.61
N ALA B 297 -4.24 -39.98 18.03
CA ALA B 297 -3.86 -41.15 18.82
C ALA B 297 -2.37 -41.13 19.15
N GLU B 298 -1.51 -40.90 18.15
CA GLU B 298 -0.07 -40.90 18.40
C GLU B 298 0.32 -39.85 19.43
N ARG B 299 -0.23 -38.64 19.32
CA ARG B 299 0.13 -37.54 20.20
C ARG B 299 -0.67 -37.55 21.50
N LYS B 300 -1.53 -38.54 21.72
CA LYS B 300 -2.29 -38.70 22.97
C LYS B 300 -3.06 -37.43 23.32
N ILE B 301 -3.70 -36.84 22.31
CA ILE B 301 -4.45 -35.60 22.51
C ILE B 301 -5.81 -35.93 23.12
N ARG B 302 -6.18 -35.19 24.18
CA ARG B 302 -7.39 -35.45 24.91
C ARG B 302 -7.95 -34.13 25.45
N GLY B 303 -9.12 -34.22 26.08
CA GLY B 303 -9.72 -33.06 26.73
C GLY B 303 -10.08 -31.98 25.72
N GLU B 304 -9.88 -30.72 26.13
CA GLU B 304 -10.28 -29.59 25.30
C GLU B 304 -9.56 -29.60 23.96
N GLU B 305 -8.28 -29.98 23.95
CA GLU B 305 -7.53 -30.03 22.69
C GLU B 305 -8.16 -31.01 21.72
N PHE B 306 -8.59 -32.17 22.20
CA PHE B 306 -9.31 -33.10 21.35
C PHE B 306 -10.63 -32.51 20.88
N ASP B 307 -11.35 -31.83 21.78
CA ASP B 307 -12.66 -31.28 21.43
C ASP B 307 -12.52 -30.22 20.33
N GLU B 308 -11.44 -29.42 20.38
CA GLU B 308 -11.20 -28.44 19.33
C GLU B 308 -11.06 -29.11 17.97
N TYR B 309 -10.36 -30.24 17.91
CA TYR B 309 -10.20 -30.95 16.65
C TYR B 309 -11.51 -31.58 16.20
N ALA B 310 -12.26 -32.16 17.13
CA ALA B 310 -13.57 -32.72 16.79
C ALA B 310 -14.50 -31.65 16.25
N ARG B 311 -14.50 -30.46 16.87
CA ARG B 311 -15.33 -29.36 16.38
C ARG B 311 -14.87 -28.90 15.00
N ALA B 312 -13.56 -28.77 14.79
CA ALA B 312 -13.06 -28.33 13.49
C ALA B 312 -13.42 -29.30 12.39
N LEU B 313 -13.31 -30.61 12.66
CA LEU B 313 -13.64 -31.61 11.65
C LEU B 313 -15.11 -31.54 11.26
N GLY B 314 -16.00 -31.48 12.25
CA GLY B 314 -17.42 -31.35 11.97
C GLY B 314 -17.75 -30.08 11.20
N LYS B 315 -17.05 -28.99 11.52
CA LYS B 315 -17.33 -27.71 10.85
C LYS B 315 -16.95 -27.76 9.38
N VAL B 316 -15.75 -28.26 9.07
CA VAL B 316 -15.30 -28.27 7.69
C VAL B 316 -16.05 -29.30 6.84
N LEU B 317 -16.66 -30.30 7.46
CA LEU B 317 -17.47 -31.26 6.70
C LEU B 317 -18.84 -30.70 6.37
N LEU B 318 -19.46 -29.97 7.29
CA LEU B 318 -20.86 -29.55 7.16
C LEU B 318 -21.03 -28.12 6.67
N GLU B 319 -20.27 -27.17 7.22
CA GLU B 319 -20.48 -25.76 6.86
C GLU B 319 -20.33 -25.51 5.37
N PRO B 320 -19.23 -25.87 4.70
CA PRO B 320 -19.17 -25.63 3.24
C PRO B 320 -20.22 -26.43 2.48
N PHE B 321 -20.53 -27.63 2.95
CA PHE B 321 -21.56 -28.46 2.31
C PHE B 321 -22.93 -27.79 2.40
N VAL B 322 -23.30 -27.35 3.61
CA VAL B 322 -24.61 -26.72 3.80
C VAL B 322 -24.70 -25.43 3.00
N GLU B 323 -23.62 -24.65 2.98
CA GLU B 323 -23.64 -23.38 2.24
C GLU B 323 -23.86 -23.61 0.75
N SER B 324 -23.27 -24.68 0.20
CA SER B 324 -23.49 -24.99 -1.21
C SER B 324 -24.93 -25.45 -1.46
N ILE B 325 -25.50 -26.20 -0.52
CA ILE B 325 -26.90 -26.61 -0.63
C ILE B 325 -27.80 -25.38 -0.71
N TRP B 326 -27.54 -24.39 0.16
CA TRP B 326 -28.28 -23.14 0.09
C TRP B 326 -28.07 -22.44 -1.25
N ASP B 327 -26.85 -22.53 -1.79
CA ASP B 327 -26.57 -21.90 -3.09
C ASP B 327 -27.40 -22.53 -4.18
N ILE B 328 -27.41 -23.86 -4.29
CA ILE B 328 -28.14 -24.53 -5.36
C ILE B 328 -29.64 -24.54 -5.12
N SER B 329 -30.09 -24.25 -3.89
CA SER B 329 -31.52 -24.20 -3.61
C SER B 329 -32.12 -22.85 -3.96
N SER B 330 -31.35 -21.78 -3.83
CA SER B 330 -31.84 -20.42 -4.01
C SER B 330 -31.58 -19.88 -5.41
N GLY B 331 -31.14 -20.72 -6.34
CA GLY B 331 -30.88 -20.24 -7.70
C GLY B 331 -30.40 -21.38 -8.57
N ASP B 332 -30.38 -21.10 -9.87
CA ASP B 332 -30.02 -22.08 -10.88
C ASP B 332 -28.53 -22.05 -11.23
N ASP B 333 -27.71 -21.47 -10.36
CA ASP B 333 -26.28 -21.38 -10.61
C ASP B 333 -25.58 -22.68 -10.20
N GLU B 334 -24.42 -22.92 -10.79
CA GLU B 334 -23.65 -24.12 -10.53
C GLU B 334 -22.63 -23.88 -9.43
N ILE B 335 -22.27 -24.95 -8.71
CA ILE B 335 -21.18 -24.87 -7.75
C ILE B 335 -19.92 -24.44 -8.49
N ALA B 336 -19.17 -23.52 -7.90
CA ALA B 336 -18.09 -22.91 -8.64
C ALA B 336 -16.91 -22.60 -7.71
N GLU B 337 -15.73 -22.52 -8.33
CA GLU B 337 -14.53 -22.03 -7.68
C GLU B 337 -13.94 -20.92 -8.54
N LEU B 338 -13.55 -19.83 -7.89
CA LEU B 338 -12.92 -18.70 -8.55
C LEU B 338 -11.45 -18.66 -8.15
N PHE B 339 -10.57 -18.49 -9.14
CA PHE B 339 -9.14 -18.42 -8.87
C PHE B 339 -8.50 -17.51 -9.90
N THR B 340 -7.36 -16.94 -9.53
CA THR B 340 -6.67 -15.95 -10.34
C THR B 340 -5.25 -16.39 -10.64
N VAL B 341 -4.73 -15.95 -11.79
CA VAL B 341 -3.33 -16.10 -12.14
C VAL B 341 -2.87 -14.80 -12.80
N ARG B 342 -1.55 -14.64 -12.91
CA ARG B 342 -0.94 -13.53 -13.62
C ARG B 342 -0.23 -14.08 -14.85
N VAL B 343 -0.54 -13.51 -16.02
CA VAL B 343 0.10 -13.89 -17.28
C VAL B 343 0.72 -12.66 -17.91
N LYS B 344 1.70 -12.90 -18.78
CA LYS B 344 2.34 -11.79 -19.50
C LYS B 344 1.50 -11.32 -20.69
N LYS B 345 0.91 -12.26 -21.43
CA LYS B 345 0.16 -11.94 -22.64
C LYS B 345 -1.27 -12.45 -22.51
N LEU B 346 -2.22 -11.64 -23.00
CA LEU B 346 -3.62 -12.04 -23.03
C LEU B 346 -3.82 -13.40 -23.68
N GLU B 347 -3.11 -13.66 -24.79
CA GLU B 347 -3.30 -14.91 -25.51
C GLU B 347 -3.00 -16.13 -24.64
N THR B 348 -2.13 -15.98 -23.65
CA THR B 348 -1.84 -17.10 -22.76
C THR B 348 -3.07 -17.51 -21.96
N ALA B 349 -3.91 -16.54 -21.58
CA ALA B 349 -5.15 -16.86 -20.88
C ALA B 349 -6.05 -17.76 -21.71
N HIS B 350 -6.16 -17.47 -23.01
CA HIS B 350 -7.00 -18.29 -23.88
C HIS B 350 -6.38 -19.66 -24.14
N LYS B 351 -5.04 -19.73 -24.22
CA LYS B 351 -4.39 -21.03 -24.29
C LYS B 351 -4.70 -21.86 -23.05
N MET B 352 -4.76 -21.21 -21.88
CA MET B 352 -5.06 -21.92 -20.65
C MET B 352 -6.48 -22.48 -20.68
N VAL B 353 -7.43 -21.73 -21.21
CA VAL B 353 -8.81 -22.22 -21.32
C VAL B 353 -8.85 -23.46 -22.20
N THR B 354 -8.18 -23.42 -23.35
CA THR B 354 -8.10 -24.60 -24.21
C THR B 354 -7.48 -25.78 -23.49
N HIS B 355 -6.40 -25.54 -22.74
CA HIS B 355 -5.75 -26.62 -22.00
C HIS B 355 -6.64 -27.13 -20.89
N PHE B 356 -7.34 -26.24 -20.18
CA PHE B 356 -8.26 -26.66 -19.14
C PHE B 356 -9.33 -27.60 -19.69
N GLU B 357 -9.83 -27.32 -20.90
CA GLU B 357 -10.84 -28.19 -21.51
C GLU B 357 -10.26 -29.57 -21.83
N ARG B 358 -9.03 -29.60 -22.34
CA ARG B 358 -8.36 -30.88 -22.56
C ARG B 358 -8.28 -31.71 -21.29
N LEU B 359 -8.15 -31.05 -20.14
CA LEU B 359 -8.15 -31.71 -18.84
C LEU B 359 -9.56 -32.01 -18.34
N ARG B 360 -10.59 -31.75 -19.15
CA ARG B 360 -11.99 -32.02 -18.80
C ARG B 360 -12.43 -31.15 -17.63
N LEU B 361 -11.84 -29.97 -17.49
CA LEU B 361 -12.21 -29.00 -16.46
C LEU B 361 -13.04 -27.90 -17.10
N LYS B 362 -14.20 -27.62 -16.51
CA LYS B 362 -15.15 -26.67 -17.06
C LYS B 362 -14.82 -25.28 -16.54
N ILE B 363 -13.91 -24.59 -17.24
CA ILE B 363 -13.38 -23.32 -16.80
C ILE B 363 -13.52 -22.29 -17.92
N HIS B 364 -13.86 -21.06 -17.55
CA HIS B 364 -13.89 -19.93 -18.48
C HIS B 364 -13.36 -18.70 -17.76
N ILE B 365 -13.04 -17.67 -18.55
CA ILE B 365 -12.51 -16.44 -17.99
C ILE B 365 -13.66 -15.63 -17.42
N ASP B 366 -13.60 -15.34 -16.12
CA ASP B 366 -14.64 -14.58 -15.43
C ASP B 366 -14.31 -13.10 -15.33
N ASP B 367 -13.05 -12.74 -15.23
CA ASP B 367 -12.66 -11.34 -15.07
C ASP B 367 -11.20 -11.17 -15.48
N ILE B 368 -10.88 -9.98 -15.95
CA ILE B 368 -9.53 -9.63 -16.37
C ILE B 368 -9.20 -8.24 -15.82
N GLU B 369 -7.93 -8.03 -15.48
CA GLU B 369 -7.45 -6.72 -15.06
C GLU B 369 -5.96 -6.65 -15.32
N VAL B 370 -5.51 -5.53 -15.88
CA VAL B 370 -4.08 -5.30 -16.10
C VAL B 370 -3.50 -4.71 -14.83
N LEU B 371 -2.38 -5.27 -14.38
CA LEU B 371 -1.73 -4.81 -13.17
C LEU B 371 -0.76 -3.68 -13.46
N ASP B 372 -0.37 -2.97 -12.40
CA ASP B 372 0.53 -1.83 -12.54
C ASP B 372 1.88 -2.22 -13.16
N ASN B 373 2.28 -3.48 -13.04
CA ASN B 373 3.53 -3.95 -13.62
C ASN B 373 3.36 -4.46 -15.05
N GLY B 374 2.17 -4.33 -15.63
CA GLY B 374 1.91 -4.77 -16.99
C GLY B 374 1.44 -6.21 -17.13
N TYR B 375 1.45 -6.98 -16.06
CA TYR B 375 0.93 -8.35 -16.11
C TYR B 375 -0.61 -8.32 -16.12
N TRP B 376 -1.20 -9.34 -16.73
CA TRP B 376 -2.64 -9.51 -16.75
C TRP B 376 -3.06 -10.43 -15.61
N ARG B 377 -3.89 -9.93 -14.71
CA ARG B 377 -4.50 -10.77 -13.68
C ARG B 377 -5.78 -11.36 -14.25
N ILE B 378 -5.78 -12.67 -14.47
CA ILE B 378 -6.91 -13.38 -15.03
C ILE B 378 -7.66 -14.07 -13.90
N THR B 379 -8.98 -13.87 -13.84
CA THR B 379 -9.82 -14.59 -12.89
C THR B 379 -10.58 -15.67 -13.65
N PHE B 380 -10.26 -16.93 -13.37
CA PHE B 380 -10.96 -18.05 -13.97
C PHE B 380 -12.08 -18.51 -13.04
N LYS B 381 -13.13 -19.05 -13.64
CA LYS B 381 -14.21 -19.68 -12.89
C LYS B 381 -14.37 -21.11 -13.35
N ARG B 382 -14.24 -22.06 -12.42
CA ARG B 382 -14.49 -23.46 -12.68
C ARG B 382 -15.83 -23.86 -12.09
N VAL B 383 -16.67 -24.51 -12.87
CA VAL B 383 -17.95 -24.98 -12.40
C VAL B 383 -17.94 -26.50 -12.34
N TYR B 384 -18.83 -27.05 -11.51
CA TYR B 384 -18.93 -28.48 -11.26
C TYR B 384 -20.34 -28.94 -11.59
N PRO B 385 -20.62 -29.19 -12.88
CA PRO B 385 -22.00 -29.52 -13.26
C PRO B 385 -22.51 -30.84 -12.69
N ASP B 386 -21.64 -31.86 -12.61
CA ASP B 386 -22.10 -33.16 -12.10
C ASP B 386 -22.44 -33.08 -10.62
N ALA B 387 -21.56 -32.48 -9.81
CA ALA B 387 -21.84 -32.32 -8.40
C ALA B 387 -23.05 -31.42 -8.17
N THR B 388 -23.17 -30.36 -8.96
CA THR B 388 -24.34 -29.49 -8.86
C THR B 388 -25.63 -30.25 -9.13
N LYS B 389 -25.63 -31.11 -10.15
CA LYS B 389 -26.84 -31.84 -10.49
C LYS B 389 -27.24 -32.81 -9.38
N GLU B 390 -26.26 -33.55 -8.82
CA GLU B 390 -26.58 -34.48 -7.75
C GLU B 390 -27.06 -33.74 -6.50
N MET B 391 -26.39 -32.64 -6.14
CA MET B 391 -26.78 -31.88 -4.96
C MET B 391 -28.19 -31.31 -5.12
N ARG B 392 -28.50 -30.74 -6.30
CA ARG B 392 -29.81 -30.13 -6.49
C ARG B 392 -30.91 -31.18 -6.55
N GLU B 393 -30.64 -32.32 -7.18
CA GLU B 393 -31.63 -33.40 -7.23
C GLU B 393 -32.01 -33.85 -5.82
N LEU B 394 -30.99 -34.08 -4.97
CA LEU B 394 -31.27 -34.47 -3.60
C LEU B 394 -32.07 -33.41 -2.86
N TRP B 395 -31.75 -32.13 -3.09
CA TRP B 395 -32.51 -31.06 -2.45
C TRP B 395 -33.96 -31.07 -2.91
N ASN B 396 -34.20 -31.40 -4.18
CA ASN B 396 -35.55 -31.38 -4.74
C ASN B 396 -36.31 -32.66 -4.48
N GLY B 397 -35.83 -33.51 -3.58
CA GLY B 397 -36.59 -34.65 -3.11
C GLY B 397 -36.39 -35.93 -3.88
N HIS B 398 -35.36 -36.03 -4.72
CA HIS B 398 -35.08 -37.29 -5.42
C HIS B 398 -34.77 -38.38 -4.41
N ALA B 399 -35.39 -39.54 -4.60
CA ALA B 399 -35.24 -40.67 -3.69
C ALA B 399 -34.29 -41.70 -4.30
N PHE B 400 -33.37 -42.21 -3.48
CA PHE B 400 -32.39 -43.18 -3.93
C PHE B 400 -32.23 -44.29 -2.90
N VAL B 401 -31.81 -45.46 -3.37
CA VAL B 401 -31.49 -46.57 -2.49
C VAL B 401 -30.08 -46.39 -1.92
P AMP C . -0.40 27.59 12.31
O1P AMP C . -0.52 27.26 13.77
O2P AMP C . -0.30 29.05 11.91
O5' AMP C . 0.80 26.76 11.64
C5' AMP C . 2.17 27.19 11.62
C4' AMP C . 2.29 28.32 10.59
O4' AMP C . 2.56 29.54 11.27
C3' AMP C . 3.36 28.17 9.52
O3' AMP C . 2.80 27.61 8.32
C2' AMP C . 3.80 29.59 9.26
O2' AMP C . 3.12 30.11 8.11
C1' AMP C . 3.38 30.39 10.47
N9 AMP C . 4.54 30.86 11.30
C8 AMP C . 4.54 32.01 11.99
N7 AMP C . 5.72 32.18 12.65
C5 AMP C . 6.49 31.12 12.38
C6 AMP C . 7.85 30.67 12.76
N6 AMP C . 8.63 31.41 13.57
N1 AMP C . 8.29 29.49 12.27
C2 AMP C . 7.54 28.74 11.45
N3 AMP C . 6.29 29.08 11.07
C4 AMP C . 5.71 30.24 11.48
C1 GOL D . 9.51 42.12 15.86
O1 GOL D . 9.73 40.90 15.25
C2 GOL D . 8.76 41.82 17.19
O2 GOL D . 9.29 40.73 17.84
C3 GOL D . 8.88 43.11 18.01
O3 GOL D . 8.28 42.84 19.24
C1 GOL E . 18.28 13.61 25.76
O1 GOL E . 18.73 14.80 26.29
C2 GOL E . 18.74 13.56 24.28
O2 GOL E . 20.10 13.88 24.17
C3 GOL E . 18.41 12.12 23.75
O3 GOL E . 18.57 11.19 24.81
C1 GOL F . 12.00 30.91 -15.67
O1 GOL F . 12.91 30.94 -16.73
C2 GOL F . 10.78 30.09 -16.15
O2 GOL F . 10.19 30.63 -17.26
C3 GOL F . 11.31 28.65 -16.40
O3 GOL F . 12.70 28.72 -16.51
C1 GOL G . -12.58 31.47 10.37
O1 GOL G . -11.93 32.55 10.94
C2 GOL G . -11.67 30.94 9.25
O2 GOL G . -10.42 31.53 9.27
C3 GOL G . -11.58 29.44 9.50
O3 GOL G . -10.63 28.94 8.61
C1 GOL H . -9.48 34.21 7.83
O1 GOL H . -9.22 35.17 6.86
C2 GOL H . -10.61 34.75 8.73
O2 GOL H . -10.57 36.13 8.84
C3 GOL H . -11.92 34.25 8.08
O3 GOL H . -12.97 34.74 8.86
MG MG I . -1.07 30.83 11.23
MG MG J . -5.16 33.67 15.45
P AMP K . 0.76 -35.12 -2.15
O1P AMP K . 0.71 -35.22 -0.64
O2P AMP K . 0.71 -33.76 -2.78
O5' AMP K . 2.01 -35.98 -2.73
C5' AMP K . 3.37 -35.54 -2.65
C4' AMP K . 3.51 -34.37 -3.63
O4' AMP K . 3.78 -33.18 -2.90
C3' AMP K . 4.61 -34.49 -4.68
O3' AMP K . 4.09 -35.06 -5.88
C2' AMP K . 5.02 -33.06 -4.91
O2' AMP K . 4.33 -32.54 -6.04
C1' AMP K . 4.57 -32.29 -3.67
N9 AMP K . 5.73 -31.85 -2.83
C8 AMP K . 5.72 -30.71 -2.11
N7 AMP K . 6.89 -30.55 -1.45
C5 AMP K . 7.67 -31.61 -1.73
C6 AMP K . 9.03 -32.06 -1.36
N6 AMP K . 9.80 -31.33 -0.51
N1 AMP K . 9.48 -33.22 -1.87
C2 AMP K . 8.72 -33.96 -2.71
N3 AMP K . 7.48 -33.61 -3.09
C4 AMP K . 6.90 -32.46 -2.65
C1 GOL L . -7.36 -27.42 -5.07
O1 GOL L . -7.28 -26.44 -4.09
C2 GOL L . -8.72 -27.25 -5.76
O2 GOL L . -8.64 -27.46 -7.13
C3 GOL L . -9.63 -28.28 -5.07
O3 GOL L . -10.93 -28.00 -5.49
C1 GOL M . 11.14 -19.53 1.66
O1 GOL M . 11.08 -19.60 0.27
C2 GOL M . 10.35 -20.73 2.20
O2 GOL M . 10.61 -21.90 1.48
C3 GOL M . 10.77 -20.85 3.68
O3 GOL M . 9.68 -20.47 4.44
C1 GOL N . -35.96 -24.46 -2.77
O1 GOL N . -35.81 -24.07 -4.08
C2 GOL N . -37.30 -25.21 -2.62
O2 GOL N . -37.48 -26.09 -3.67
C3 GOL N . -37.22 -25.91 -1.29
O3 GOL N . -38.37 -25.66 -0.56
C1 GOL O . -10.32 -40.47 22.42
O1 GOL O . -11.42 -41.25 22.08
C2 GOL O . -10.83 -39.33 23.33
O2 GOL O . -11.46 -39.81 24.46
C3 GOL O . -9.58 -38.47 23.67
O3 GOL O . -8.45 -39.24 23.38
C1 GOL P . 16.73 -24.72 2.79
O1 GOL P . 16.45 -23.74 3.74
C2 GOL P . 17.05 -24.01 1.46
O2 GOL P . 15.92 -23.55 0.81
C3 GOL P . 17.85 -25.05 0.63
O3 GOL P . 19.17 -24.94 1.03
C1 GOL Q . 14.14 -32.54 -29.95
O1 GOL Q . 14.91 -31.85 -30.87
C2 GOL Q . 12.89 -33.08 -30.70
O2 GOL Q . 12.43 -34.28 -30.15
C3 GOL Q . 11.84 -31.93 -30.58
O3 GOL Q . 10.69 -32.39 -31.23
C1 GOL R . -13.96 -19.45 -4.87
O1 GOL R . -15.18 -18.81 -4.62
C2 GOL R . -13.49 -20.06 -3.54
O2 GOL R . -14.51 -20.74 -2.89
C3 GOL R . -12.33 -21.00 -3.95
O3 GOL R . -12.46 -22.15 -3.17
MG MG S . 0.16 -31.83 -2.99
MG MG T . -3.89 -29.22 0.67
#